data_6AGL
#
_entry.id   6AGL
#
_cell.length_a   87.240
_cell.length_b   48.722
_cell.length_c   89.897
_cell.angle_alpha   90.00
_cell.angle_beta   117.91
_cell.angle_gamma   90.00
#
_symmetry.space_group_name_H-M   'P 1 2 1'
#
loop_
_entity.id
_entity.type
_entity.pdbx_description
1 polymer 'Phospho-2-dehydro-3-deoxyheptonate aldolase, Tyr-sensitive'
2 water water
#
_entity_poly.entity_id   1
_entity_poly.type   'polypeptide(L)'
_entity_poly.pdbx_seq_one_letter_code
;MQKDALNNVHITDEQVLMTPEQLKAAFPLSLQQEAQIADSRKSISDIIAGRDPRLLVVCGPCSIHDPETALEYARRFKAL
AAEVSDSLYLVMRVYFEKPRTTVGWKGLINDPHMDGSFDVEAGLQIARKLLLELVNMGLPLATEALDPNSPQYLGDLFSW
SAIGARTTESQTHREMASGLSMPVGFKNGTDGSLATAINAMRAAAQPHRFVGINQAGQVALLQTQGNPDGHVILRGGKAP
NYSPADVAQCEKEMEQAGLRPSLMVDCSHGNSNKDYRRQPAVAESVVAQIKDGNRSIIGLMIESNIHEGNQSSEQPRSEM
KYGVSVTDACISWEMTDALLREIHQDLNGQLTARVA
;
_entity_poly.pdbx_strand_id   A,B
#
# COMPACT_ATOMS: atom_id res chain seq x y z
N HIS A 10 25.38 52.73 -5.83
CA HIS A 10 25.93 52.07 -7.00
C HIS A 10 26.14 50.58 -6.73
N ILE A 11 26.39 49.80 -7.79
CA ILE A 11 26.67 48.38 -7.70
C ILE A 11 28.14 48.16 -8.00
N THR A 12 28.83 47.48 -7.09
CA THR A 12 30.29 47.33 -7.16
C THR A 12 30.73 46.03 -7.83
N ASP A 13 30.19 44.89 -7.38
CA ASP A 13 30.60 43.60 -7.91
C ASP A 13 29.39 42.85 -8.44
N GLU A 14 29.64 41.96 -9.40
CA GLU A 14 28.58 41.28 -10.15
C GLU A 14 29.10 39.90 -10.51
N GLN A 15 28.78 38.91 -9.67
CA GLN A 15 29.32 37.56 -9.80
C GLN A 15 28.20 36.57 -10.08
N VAL A 16 28.38 35.75 -11.12
CA VAL A 16 27.30 34.89 -11.59
C VAL A 16 27.11 33.73 -10.62
N LEU A 17 25.85 33.43 -10.30
CA LEU A 17 25.51 32.31 -9.43
C LEU A 17 25.53 31.01 -10.21
N MET A 18 25.84 29.92 -9.49
CA MET A 18 25.80 28.60 -10.08
C MET A 18 24.40 28.29 -10.60
N THR A 19 24.32 27.88 -11.86
CA THR A 19 23.03 27.63 -12.51
C THR A 19 22.45 26.29 -12.05
N PRO A 20 21.15 26.09 -12.22
CA PRO A 20 20.56 24.77 -11.91
C PRO A 20 21.20 23.63 -12.67
N GLU A 21 21.63 23.84 -13.92
CA GLU A 21 22.32 22.80 -14.67
C GLU A 21 23.61 22.39 -13.99
N GLN A 22 24.43 23.37 -13.60
CA GLN A 22 25.69 23.08 -12.93
C GLN A 22 25.47 22.42 -11.58
N LEU A 23 24.47 22.89 -10.82
CA LEU A 23 24.20 22.32 -9.52
C LEU A 23 23.72 20.88 -9.63
N LYS A 24 22.86 20.60 -10.60
CA LYS A 24 22.38 19.23 -10.79
C LYS A 24 23.45 18.33 -11.36
N ALA A 25 24.39 18.88 -12.14
CA ALA A 25 25.50 18.08 -12.62
C ALA A 25 26.47 17.75 -11.50
N ALA A 26 26.67 18.67 -10.55
CA ALA A 26 27.60 18.44 -9.46
C ALA A 26 27.03 17.46 -8.44
N PHE A 27 25.72 17.54 -8.19
CA PHE A 27 25.03 16.65 -7.25
C PHE A 27 23.86 16.01 -7.97
N PRO A 28 24.11 14.94 -8.72
CA PRO A 28 23.08 14.39 -9.60
C PRO A 28 22.20 13.34 -8.94
N LEU A 29 20.99 13.24 -9.45
CA LEU A 29 20.11 12.13 -9.14
C LEU A 29 20.48 10.93 -10.01
N SER A 30 20.41 9.74 -9.42
CA SER A 30 20.52 8.55 -10.24
C SER A 30 19.17 8.25 -10.89
N LEU A 31 19.20 7.37 -11.89
CA LEU A 31 17.95 6.98 -12.55
C LEU A 31 17.02 6.28 -11.56
N GLN A 32 17.58 5.45 -10.68
CA GLN A 32 16.76 4.75 -9.70
C GLN A 32 16.08 5.71 -8.74
N GLN A 33 16.82 6.71 -8.24
CA GLN A 33 16.23 7.67 -7.32
C GLN A 33 15.19 8.53 -8.02
N GLU A 34 15.41 8.87 -9.30
CA GLU A 34 14.40 9.61 -10.04
C GLU A 34 13.14 8.79 -10.23
N ALA A 35 13.29 7.49 -10.47
CA ALA A 35 12.11 6.63 -10.57
C ALA A 35 11.40 6.52 -9.23
N GLN A 36 12.16 6.49 -8.14
CA GLN A 36 11.56 6.47 -6.81
C GLN A 36 10.76 7.73 -6.53
N ILE A 37 11.31 8.88 -6.92
CA ILE A 37 10.61 10.15 -6.73
C ILE A 37 9.35 10.19 -7.58
N ALA A 38 9.43 9.68 -8.82
CA ALA A 38 8.22 9.63 -9.66
C ALA A 38 7.17 8.71 -9.05
N ASP A 39 7.58 7.56 -8.53
CA ASP A 39 6.63 6.64 -7.89
C ASP A 39 5.97 7.29 -6.70
N SER A 40 6.74 7.99 -5.86
CA SER A 40 6.16 8.62 -4.67
C SER A 40 5.23 9.76 -5.05
N ARG A 41 5.58 10.54 -6.09
CA ARG A 41 4.69 11.57 -6.57
C ARG A 41 3.37 10.97 -7.07
N LYS A 42 3.45 9.87 -7.82
CA LYS A 42 2.24 9.21 -8.27
C LYS A 42 1.40 8.71 -7.11
N SER A 43 2.04 8.11 -6.09
CA SER A 43 1.30 7.61 -4.95
C SER A 43 0.61 8.73 -4.19
N ILE A 44 1.32 9.84 -3.97
CA ILE A 44 0.72 10.97 -3.27
C ILE A 44 -0.46 11.53 -4.07
N SER A 45 -0.31 11.62 -5.40
CA SER A 45 -1.39 12.14 -6.22
C SER A 45 -2.60 11.20 -6.21
N ASP A 46 -2.36 9.89 -6.18
CA ASP A 46 -3.46 8.94 -6.09
C ASP A 46 -4.16 9.04 -4.74
N ILE A 47 -3.39 9.29 -3.67
CA ILE A 47 -4.00 9.53 -2.36
C ILE A 47 -4.89 10.76 -2.41
N ILE A 48 -4.39 11.84 -3.02
CA ILE A 48 -5.14 13.08 -3.10
C ILE A 48 -6.42 12.89 -3.90
N ALA A 49 -6.33 12.16 -5.01
CA ALA A 49 -7.48 11.94 -5.89
C ALA A 49 -8.50 10.99 -5.29
N GLY A 50 -8.15 10.25 -4.25
CA GLY A 50 -9.05 9.27 -3.67
C GLY A 50 -8.89 7.87 -4.20
N ARG A 51 -7.89 7.62 -5.05
CA ARG A 51 -7.66 6.29 -5.60
C ARG A 51 -6.82 5.40 -4.69
N ASP A 52 -6.12 5.98 -3.72
CA ASP A 52 -5.31 5.23 -2.77
C ASP A 52 -5.90 5.34 -1.37
N PRO A 53 -6.10 4.22 -0.67
CA PRO A 53 -6.80 4.30 0.62
C PRO A 53 -5.94 4.85 1.76
N ARG A 54 -4.62 4.87 1.61
CA ARG A 54 -3.76 5.31 2.69
C ARG A 54 -3.90 6.81 2.95
N LEU A 55 -3.59 7.22 4.17
CA LEU A 55 -3.68 8.60 4.61
C LEU A 55 -2.34 9.28 4.47
N LEU A 56 -2.31 10.40 3.74
CA LEU A 56 -1.06 11.15 3.60
C LEU A 56 -0.67 11.80 4.92
N VAL A 57 0.60 11.68 5.29
CA VAL A 57 1.03 12.30 6.54
C VAL A 57 2.34 13.05 6.29
N VAL A 58 2.26 14.36 6.10
CA VAL A 58 3.44 15.20 5.98
C VAL A 58 3.90 15.55 7.39
N CYS A 59 5.05 15.02 7.78
CA CYS A 59 5.54 15.19 9.14
C CYS A 59 7.03 15.51 9.09
N GLY A 60 7.46 16.35 10.02
CA GLY A 60 8.88 16.62 10.11
C GLY A 60 9.25 17.87 10.89
N PRO A 61 10.54 18.18 10.91
CA PRO A 61 11.03 19.30 11.73
C PRO A 61 10.37 20.61 11.36
N CYS A 62 10.19 21.45 12.37
CA CYS A 62 9.70 22.81 12.18
C CYS A 62 10.51 23.56 11.13
N SER A 63 11.83 23.40 11.17
CA SER A 63 12.69 23.95 10.15
C SER A 63 14.03 23.27 10.26
N ILE A 64 14.67 23.04 9.12
CA ILE A 64 15.95 22.35 9.07
C ILE A 64 17.06 23.39 9.12
N HIS A 65 17.94 23.27 10.12
CA HIS A 65 19.13 24.10 10.15
C HIS A 65 20.37 23.32 10.53
N ASP A 66 20.36 22.00 10.36
CA ASP A 66 21.54 21.18 10.58
C ASP A 66 21.43 19.87 9.82
N PRO A 67 22.38 19.53 8.95
CA PRO A 67 22.26 18.27 8.20
C PRO A 67 22.30 17.03 9.07
N GLU A 68 23.10 17.05 10.14
CA GLU A 68 23.21 15.87 11.01
C GLU A 68 21.91 15.62 11.74
N THR A 69 21.31 16.67 12.32
CA THR A 69 20.01 16.53 12.96
C THR A 69 18.96 16.02 11.98
N ALA A 70 18.98 16.56 10.75
CA ALA A 70 18.04 16.10 9.74
C ALA A 70 18.23 14.63 9.41
N LEU A 71 19.49 14.18 9.33
CA LEU A 71 19.75 12.77 9.03
C LEU A 71 19.29 11.86 10.15
N GLU A 72 19.52 12.25 11.41
CA GLU A 72 19.06 11.43 12.52
C GLU A 72 17.54 11.35 12.55
N TYR A 73 16.88 12.50 12.40
CA TYR A 73 15.42 12.51 12.32
C TYR A 73 14.94 11.63 11.17
N ALA A 74 15.65 11.66 10.04
CA ALA A 74 15.23 10.88 8.88
C ALA A 74 15.39 9.38 9.12
N ARG A 75 16.45 8.97 9.82
CA ARG A 75 16.59 7.56 10.17
C ARG A 75 15.43 7.10 11.05
N ARG A 76 15.09 7.90 12.07
CA ARG A 76 13.97 7.52 12.93
C ARG A 76 12.66 7.52 12.16
N PHE A 77 12.47 8.49 11.27
CA PHE A 77 11.25 8.62 10.48
C PHE A 77 11.10 7.46 9.51
N LYS A 78 12.20 7.05 8.88
CA LYS A 78 12.17 5.90 7.98
C LYS A 78 11.87 4.63 8.75
N ALA A 79 12.52 4.43 9.90
CA ALA A 79 12.23 3.25 10.71
C ALA A 79 10.75 3.21 11.11
N LEU A 80 10.17 4.37 11.43
CA LEU A 80 8.77 4.40 11.84
C LEU A 80 7.84 4.19 10.66
N ALA A 81 8.19 4.73 9.48
CA ALA A 81 7.33 4.60 8.31
C ALA A 81 7.22 3.15 7.85
N ALA A 82 8.29 2.37 7.99
CA ALA A 82 8.25 0.96 7.62
C ALA A 82 7.27 0.17 8.47
N GLU A 83 6.86 0.70 9.62
CA GLU A 83 5.96 0.01 10.54
C GLU A 83 4.52 0.50 10.48
N VAL A 84 4.27 1.65 9.86
CA VAL A 84 2.92 2.18 9.69
C VAL A 84 2.56 2.30 8.21
N SER A 85 3.30 1.62 7.34
CA SER A 85 3.13 1.80 5.91
C SER A 85 1.80 1.28 5.38
N ASP A 86 1.15 0.36 6.11
CA ASP A 86 -0.10 -0.21 5.63
C ASP A 86 -1.21 0.84 5.59
N SER A 87 -1.28 1.70 6.61
CA SER A 87 -2.35 2.69 6.70
C SER A 87 -1.90 4.10 6.33
N LEU A 88 -0.65 4.46 6.63
CA LEU A 88 -0.18 5.83 6.49
C LEU A 88 0.97 5.90 5.48
N TYR A 89 1.04 7.03 4.78
CA TYR A 89 2.09 7.31 3.81
C TYR A 89 2.90 8.49 4.33
N LEU A 90 4.11 8.23 4.81
CA LEU A 90 4.89 9.22 5.54
C LEU A 90 5.78 10.01 4.60
N VAL A 91 5.61 11.34 4.62
CA VAL A 91 6.42 12.26 3.83
C VAL A 91 7.11 13.22 4.79
N MET A 92 8.42 13.38 4.62
CA MET A 92 9.22 14.19 5.53
C MET A 92 9.38 15.60 4.96
N ARG A 93 8.90 16.60 5.69
CA ARG A 93 9.09 17.97 5.28
C ARG A 93 10.51 18.43 5.60
N VAL A 94 11.18 18.96 4.60
CA VAL A 94 12.54 19.49 4.73
C VAL A 94 12.42 20.98 4.43
N TYR A 95 12.25 21.77 5.48
CA TYR A 95 12.02 23.21 5.36
C TYR A 95 13.29 23.95 5.75
N PHE A 96 13.86 24.69 4.80
CA PHE A 96 15.11 25.42 5.04
C PHE A 96 14.86 26.87 5.43
N GLU A 97 14.23 27.63 4.54
CA GLU A 97 14.03 29.07 4.69
C GLU A 97 12.58 29.34 5.06
N LYS A 98 12.36 30.07 6.16
CA LYS A 98 11.01 30.30 6.65
C LYS A 98 10.60 31.76 6.46
N PRO A 99 9.31 32.01 6.15
CA PRO A 99 8.82 33.36 5.85
C PRO A 99 8.50 34.16 7.11
N GLY A 104 17.13 37.99 11.43
CA GLY A 104 18.33 37.31 11.85
C GLY A 104 18.94 36.41 10.79
N TRP A 105 19.14 35.14 11.14
CA TRP A 105 19.75 34.18 10.24
C TRP A 105 18.76 33.70 9.19
N LYS A 106 19.29 33.20 8.08
CA LYS A 106 18.48 32.96 6.88
C LYS A 106 18.18 31.49 6.62
N GLY A 107 18.88 30.55 7.26
CA GLY A 107 18.48 29.16 7.18
C GLY A 107 19.22 28.26 6.21
N LEU A 108 20.55 28.30 6.25
CA LEU A 108 21.41 27.24 5.72
C LEU A 108 21.49 27.23 4.20
N ILE A 109 20.65 28.01 3.52
CA ILE A 109 20.73 28.19 2.07
C ILE A 109 21.22 29.59 1.72
N ASN A 110 20.57 30.61 2.26
CA ASN A 110 21.03 31.97 2.06
C ASN A 110 22.18 32.34 2.98
N ASP A 111 22.49 31.53 3.99
CA ASP A 111 23.59 31.80 4.90
C ASP A 111 24.02 30.51 5.60
N PRO A 112 24.71 29.61 4.91
CA PRO A 112 25.10 28.34 5.56
C PRO A 112 26.18 28.49 6.61
N HIS A 113 26.88 29.62 6.68
CA HIS A 113 27.96 29.78 7.63
C HIS A 113 27.58 30.58 8.86
N MET A 114 26.32 31.00 8.98
CA MET A 114 25.80 31.63 10.20
C MET A 114 26.58 32.88 10.59
N ASP A 115 27.20 33.55 9.62
CA ASP A 115 28.03 34.71 9.91
C ASP A 115 27.70 35.89 9.00
N GLY A 116 26.53 35.90 8.37
CA GLY A 116 26.17 36.97 7.47
C GLY A 116 26.97 37.04 6.19
N SER A 117 27.80 36.03 5.90
CA SER A 117 28.54 36.02 4.64
C SER A 117 27.63 35.79 3.45
N PHE A 118 26.52 35.10 3.67
CA PHE A 118 25.50 34.84 2.64
C PHE A 118 26.10 34.14 1.43
N ASP A 119 26.74 32.99 1.69
CA ASP A 119 27.34 32.17 0.65
C ASP A 119 26.24 31.30 0.06
N VAL A 120 25.56 31.83 -0.95
CA VAL A 120 24.39 31.14 -1.49
C VAL A 120 24.78 29.91 -2.29
N GLU A 121 25.94 29.93 -2.96
CA GLU A 121 26.39 28.74 -3.68
C GLU A 121 26.63 27.58 -2.73
N ALA A 122 27.37 27.84 -1.65
CA ALA A 122 27.62 26.81 -0.65
C ALA A 122 26.33 26.34 -0.02
N GLY A 123 25.39 27.27 0.23
CA GLY A 123 24.12 26.87 0.80
C GLY A 123 23.32 25.96 -0.10
N LEU A 124 23.25 26.31 -1.40
CA LEU A 124 22.56 25.46 -2.35
C LEU A 124 23.21 24.08 -2.43
N GLN A 125 24.54 24.04 -2.46
CA GLN A 125 25.22 22.75 -2.57
C GLN A 125 24.99 21.90 -1.32
N ILE A 126 25.05 22.51 -0.14
CA ILE A 126 24.85 21.75 1.10
C ILE A 126 23.40 21.25 1.19
N ALA A 127 22.44 22.11 0.83
CA ALA A 127 21.05 21.68 0.83
C ALA A 127 20.83 20.53 -0.14
N ARG A 128 21.39 20.64 -1.35
CA ARG A 128 21.21 19.59 -2.34
C ARG A 128 21.87 18.29 -1.90
N LYS A 129 23.06 18.36 -1.30
CA LYS A 129 23.71 17.16 -0.78
C LYS A 129 22.86 16.49 0.28
N LEU A 130 22.31 17.29 1.20
CA LEU A 130 21.46 16.72 2.26
C LEU A 130 20.21 16.08 1.67
N LEU A 131 19.54 16.78 0.76
CA LEU A 131 18.33 16.25 0.15
C LEU A 131 18.61 14.98 -0.63
N LEU A 132 19.77 14.91 -1.29
CA LEU A 132 20.15 13.73 -2.03
C LEU A 132 20.41 12.55 -1.10
N GLU A 133 21.04 12.81 0.05
CA GLU A 133 21.21 11.77 1.05
C GLU A 133 19.85 11.28 1.56
N LEU A 134 18.93 12.22 1.83
CA LEU A 134 17.61 11.83 2.32
C LEU A 134 16.85 11.00 1.30
N VAL A 135 16.90 11.40 0.02
CA VAL A 135 16.26 10.63 -1.04
C VAL A 135 16.90 9.25 -1.14
N ASN A 136 18.22 9.18 -1.01
CA ASN A 136 18.93 7.90 -1.07
C ASN A 136 18.45 6.95 0.01
N MET A 137 17.95 7.46 1.13
CA MET A 137 17.36 6.63 2.17
C MET A 137 15.96 6.14 1.81
N GLY A 138 15.45 6.50 0.64
CA GLY A 138 14.13 6.09 0.22
C GLY A 138 13.02 6.79 0.97
N LEU A 139 13.14 8.11 1.12
CA LEU A 139 12.17 8.92 1.86
C LEU A 139 11.57 9.96 0.92
N PRO A 140 10.25 9.96 0.72
CA PRO A 140 9.63 11.06 -0.02
C PRO A 140 9.71 12.35 0.77
N LEU A 141 10.03 13.45 0.08
CA LEU A 141 10.27 14.73 0.72
C LEU A 141 9.19 15.73 0.36
N ALA A 142 8.88 16.61 1.31
CA ALA A 142 7.91 17.68 1.15
C ALA A 142 8.59 19.01 1.43
N THR A 143 8.13 20.06 0.75
CA THR A 143 8.72 21.38 0.97
C THR A 143 7.65 22.46 0.82
N GLU A 144 8.02 23.67 1.24
CA GLU A 144 7.17 24.85 1.09
C GLU A 144 7.95 25.87 0.29
N ALA A 145 7.49 26.14 -0.94
CA ALA A 145 8.22 27.02 -1.85
C ALA A 145 7.90 28.47 -1.52
N LEU A 146 8.91 29.21 -1.07
CA LEU A 146 8.81 30.66 -0.85
C LEU A 146 9.46 31.43 -1.99
N ASP A 147 10.71 31.11 -2.30
CA ASP A 147 11.36 31.70 -3.46
C ASP A 147 10.79 31.05 -4.72
N PRO A 148 10.21 31.83 -5.63
CA PRO A 148 9.61 31.21 -6.83
C PRO A 148 10.60 30.52 -7.73
N ASN A 149 11.89 30.85 -7.62
CA ASN A 149 12.91 30.29 -8.49
C ASN A 149 13.66 29.11 -7.86
N SER A 150 13.47 28.86 -6.58
CA SER A 150 14.14 27.75 -5.90
C SER A 150 13.70 26.37 -6.42
N PRO A 151 12.44 26.17 -6.83
CA PRO A 151 12.09 24.85 -7.42
C PRO A 151 12.90 24.50 -8.65
N GLN A 152 13.54 25.48 -9.29
CA GLN A 152 14.39 25.20 -10.44
C GLN A 152 15.73 24.60 -10.05
N TYR A 153 16.12 24.73 -8.78
CA TYR A 153 17.38 24.18 -8.30
C TYR A 153 17.21 22.84 -7.58
N LEU A 154 16.19 22.73 -6.74
CA LEU A 154 16.00 21.56 -5.89
C LEU A 154 14.68 20.84 -6.14
N GLY A 155 13.78 21.41 -6.95
CA GLY A 155 12.45 20.85 -7.13
C GLY A 155 12.42 19.42 -7.61
N ASP A 156 13.46 18.97 -8.30
CA ASP A 156 13.48 17.59 -8.77
C ASP A 156 13.56 16.58 -7.62
N LEU A 157 13.84 17.03 -6.40
CA LEU A 157 14.08 16.14 -5.28
C LEU A 157 12.87 15.93 -4.39
N PHE A 158 11.79 16.68 -4.59
CA PHE A 158 10.66 16.66 -3.68
C PHE A 158 9.48 15.94 -4.31
N SER A 159 8.60 15.41 -3.45
CA SER A 159 7.42 14.71 -3.88
C SER A 159 6.12 15.45 -3.57
N TRP A 160 6.19 16.56 -2.83
CA TRP A 160 4.99 17.27 -2.43
C TRP A 160 5.40 18.68 -2.00
N SER A 161 4.57 19.66 -2.34
CA SER A 161 4.86 21.04 -2.01
C SER A 161 3.63 21.71 -1.43
N ALA A 162 3.88 22.75 -0.64
CA ALA A 162 2.83 23.56 -0.03
C ALA A 162 2.99 25.01 -0.46
N ILE A 163 1.86 25.71 -0.61
CA ILE A 163 1.85 27.12 -0.97
C ILE A 163 1.22 27.90 0.19
N GLY A 164 1.93 28.93 0.64
CA GLY A 164 1.72 29.53 1.94
C GLY A 164 0.59 30.54 2.01
N ALA A 165 0.57 31.28 3.12
CA ALA A 165 -0.56 32.13 3.46
C ALA A 165 -0.62 33.41 2.63
N ARG A 166 0.37 34.28 2.79
CA ARG A 166 0.49 35.46 1.95
C ARG A 166 1.04 35.12 0.58
N THR A 167 1.39 33.85 0.38
CA THR A 167 1.91 33.31 -0.87
C THR A 167 0.79 32.81 -1.78
N THR A 168 -0.33 32.35 -1.20
CA THR A 168 -1.42 31.80 -1.99
C THR A 168 -2.04 32.84 -2.91
N GLU A 169 -2.45 33.99 -2.34
CA GLU A 169 -3.11 35.02 -3.13
C GLU A 169 -2.16 35.65 -4.15
N SER A 170 -0.85 35.53 -3.95
CA SER A 170 0.11 35.99 -4.93
C SER A 170 -0.01 35.17 -6.21
N GLN A 171 -0.09 35.86 -7.36
CA GLN A 171 -0.27 35.18 -8.63
C GLN A 171 1.02 34.51 -9.11
N THR A 172 2.18 35.09 -8.76
CA THR A 172 3.45 34.46 -9.11
C THR A 172 3.49 33.03 -8.60
N HIS A 173 2.92 32.79 -7.41
CA HIS A 173 3.01 31.47 -6.82
C HIS A 173 1.97 30.51 -7.37
N ARG A 174 0.78 30.98 -7.76
CA ARG A 174 -0.14 30.09 -8.46
C ARG A 174 0.41 29.70 -9.82
N GLU A 175 1.11 30.62 -10.50
CA GLU A 175 1.78 30.26 -11.74
C GLU A 175 2.87 29.23 -11.49
N MET A 176 3.74 29.49 -10.51
CA MET A 176 4.80 28.54 -10.17
C MET A 176 4.24 27.18 -9.79
N ALA A 177 3.08 27.15 -9.12
CA ALA A 177 2.44 25.89 -8.78
C ALA A 177 1.93 25.17 -10.02
N SER A 178 1.37 25.92 -10.96
CA SER A 178 1.00 25.32 -12.24
C SER A 178 2.22 24.79 -12.97
N GLY A 179 3.42 25.30 -12.66
CA GLY A 179 4.65 24.81 -13.24
C GLY A 179 5.30 23.65 -12.51
N LEU A 180 4.89 23.36 -11.28
CA LEU A 180 5.53 22.31 -10.52
C LEU A 180 5.16 20.93 -11.07
N SER A 181 6.01 19.96 -10.79
CA SER A 181 5.82 18.59 -11.26
C SER A 181 5.26 17.68 -10.18
N MET A 182 5.07 18.19 -8.98
CA MET A 182 4.71 17.43 -7.80
C MET A 182 3.30 17.74 -7.33
N PRO A 183 2.69 16.85 -6.55
CA PRO A 183 1.44 17.20 -5.87
C PRO A 183 1.63 18.40 -4.94
N VAL A 184 0.55 19.13 -4.75
CA VAL A 184 0.62 20.46 -4.16
C VAL A 184 -0.60 20.70 -3.28
N GLY A 185 -0.35 21.30 -2.12
CA GLY A 185 -1.41 21.70 -1.21
C GLY A 185 -1.37 23.23 -0.99
N PHE A 186 -2.54 23.84 -1.03
CA PHE A 186 -2.67 25.29 -0.92
C PHE A 186 -3.26 25.64 0.44
N LYS A 187 -2.54 26.44 1.23
CA LYS A 187 -3.03 26.80 2.55
C LYS A 187 -4.10 27.89 2.44
N ASN A 188 -5.10 27.82 3.31
CA ASN A 188 -6.13 28.83 3.35
C ASN A 188 -5.54 30.17 3.79
N GLY A 189 -6.35 31.22 3.73
CA GLY A 189 -5.89 32.53 4.12
C GLY A 189 -5.60 32.62 5.61
N THR A 190 -4.73 33.59 5.95
CA THR A 190 -4.43 33.82 7.36
C THR A 190 -5.66 34.27 8.13
N ASP A 191 -6.64 34.87 7.43
CA ASP A 191 -7.94 35.20 8.01
C ASP A 191 -8.91 34.03 7.95
N GLY A 192 -8.45 32.83 7.60
CA GLY A 192 -9.31 31.68 7.47
C GLY A 192 -10.01 31.56 6.14
N SER A 193 -9.62 32.34 5.13
CA SER A 193 -10.32 32.36 3.87
C SER A 193 -10.05 31.08 3.08
N LEU A 194 -11.11 30.31 2.81
CA LEU A 194 -11.00 29.15 1.94
C LEU A 194 -11.05 29.52 0.46
N ALA A 195 -11.62 30.69 0.14
CA ALA A 195 -11.74 31.08 -1.26
C ALA A 195 -10.38 31.29 -1.91
N THR A 196 -9.41 31.84 -1.15
CA THR A 196 -8.09 32.05 -1.71
C THR A 196 -7.42 30.73 -2.08
N ALA A 197 -7.46 29.76 -1.16
CA ALA A 197 -6.88 28.45 -1.45
C ALA A 197 -7.61 27.77 -2.60
N ILE A 198 -8.94 27.86 -2.62
CA ILE A 198 -9.71 27.21 -3.67
C ILE A 198 -9.38 27.83 -5.03
N ASN A 199 -9.27 29.15 -5.11
CA ASN A 199 -8.99 29.81 -6.38
C ASN A 199 -7.56 29.55 -6.83
N ALA A 200 -6.60 29.52 -5.90
CA ALA A 200 -5.24 29.18 -6.26
C ALA A 200 -5.16 27.74 -6.77
N MET A 201 -5.89 26.82 -6.15
CA MET A 201 -5.91 25.45 -6.61
C MET A 201 -6.53 25.34 -8.00
N ARG A 202 -7.63 26.04 -8.24
CA ARG A 202 -8.25 26.03 -9.56
C ARG A 202 -7.33 26.63 -10.62
N ALA A 203 -6.61 27.71 -10.28
CA ALA A 203 -5.76 28.37 -11.26
C ALA A 203 -4.50 27.57 -11.54
N ALA A 204 -3.95 26.90 -10.52
CA ALA A 204 -2.75 26.09 -10.73
C ALA A 204 -3.01 24.89 -11.62
N ALA A 205 -4.26 24.46 -11.74
CA ALA A 205 -4.60 23.36 -12.64
C ALA A 205 -4.58 23.79 -14.10
N GLN A 206 -4.50 25.11 -14.39
CA GLN A 206 -4.55 25.68 -15.73
C GLN A 206 -3.15 26.03 -16.22
N PRO A 207 -2.93 25.99 -17.54
CA PRO A 207 -1.64 26.40 -18.08
C PRO A 207 -1.34 27.86 -17.80
N HIS A 208 -0.06 28.20 -17.74
CA HIS A 208 0.31 29.59 -17.41
C HIS A 208 1.61 29.97 -18.10
N ARG A 209 1.77 31.27 -18.33
CA ARG A 209 2.96 31.80 -18.99
C ARG A 209 3.48 32.95 -18.12
N PHE A 210 4.66 32.77 -17.53
CA PHE A 210 5.20 33.75 -16.61
C PHE A 210 6.69 33.96 -16.87
N VAL A 211 7.29 34.85 -16.09
CA VAL A 211 8.71 35.13 -16.17
C VAL A 211 9.40 34.43 -15.00
N GLY A 212 10.32 33.52 -15.32
CA GLY A 212 11.10 32.83 -14.32
C GLY A 212 12.53 32.68 -14.78
N ILE A 213 13.23 31.65 -14.31
CA ILE A 213 14.58 31.37 -14.77
C ILE A 213 14.62 30.00 -15.42
N ASN A 214 15.51 29.86 -16.40
CA ASN A 214 15.72 28.58 -17.05
C ASN A 214 16.78 27.78 -16.30
N GLN A 215 17.13 26.61 -16.84
CA GLN A 215 18.15 25.79 -16.21
C GLN A 215 19.55 26.38 -16.36
N ALA A 216 19.72 27.35 -17.25
CA ALA A 216 20.98 28.06 -17.40
C ALA A 216 21.08 29.30 -16.52
N GLY A 217 20.14 29.47 -15.59
CA GLY A 217 20.15 30.62 -14.71
C GLY A 217 19.79 31.93 -15.39
N GLN A 218 19.17 31.88 -16.56
CA GLN A 218 18.81 33.06 -17.33
C GLN A 218 17.34 33.40 -17.15
N VAL A 219 17.04 34.69 -17.16
CA VAL A 219 15.65 35.13 -17.13
C VAL A 219 14.97 34.67 -18.41
N ALA A 220 13.79 34.08 -18.27
CA ALA A 220 13.13 33.45 -19.40
C ALA A 220 11.62 33.48 -19.22
N LEU A 221 10.92 33.26 -20.32
CA LEU A 221 9.47 33.10 -20.32
C LEU A 221 9.15 31.62 -20.27
N LEU A 222 8.53 31.19 -19.18
CA LEU A 222 8.19 29.79 -18.96
C LEU A 222 6.71 29.57 -19.21
N GLN A 223 6.40 28.49 -19.92
CA GLN A 223 5.03 28.05 -20.17
C GLN A 223 4.80 26.72 -19.45
N THR A 224 3.65 26.59 -18.81
CA THR A 224 3.34 25.48 -17.93
C THR A 224 2.01 24.85 -18.32
N GLN A 225 1.98 23.52 -18.32
CA GLN A 225 0.75 22.78 -18.58
C GLN A 225 -0.32 23.04 -17.52
N GLY A 226 0.09 23.25 -16.28
CA GLY A 226 -0.82 23.25 -15.16
C GLY A 226 -0.65 22.02 -14.30
N ASN A 227 -1.03 22.15 -13.03
CA ASN A 227 -0.83 21.07 -12.06
C ASN A 227 -2.19 20.50 -11.64
N PRO A 228 -2.56 19.31 -12.10
CA PRO A 228 -3.87 18.75 -11.75
C PRO A 228 -3.93 18.11 -10.38
N ASP A 229 -2.80 17.98 -9.68
CA ASP A 229 -2.76 17.31 -8.38
C ASP A 229 -2.75 18.36 -7.28
N GLY A 230 -3.94 18.86 -6.94
CA GLY A 230 -4.05 19.90 -5.95
C GLY A 230 -5.00 19.55 -4.83
N HIS A 231 -4.81 20.20 -3.67
CA HIS A 231 -5.71 20.02 -2.54
C HIS A 231 -5.56 21.21 -1.61
N VAL A 232 -6.54 21.37 -0.73
CA VAL A 232 -6.56 22.46 0.23
C VAL A 232 -5.87 22.01 1.51
N ILE A 233 -5.15 22.93 2.14
CA ILE A 233 -4.54 22.68 3.44
C ILE A 233 -5.32 23.49 4.47
N LEU A 234 -6.07 22.81 5.32
CA LEU A 234 -6.79 23.47 6.41
C LEU A 234 -5.78 23.82 7.49
N ARG A 235 -5.39 25.09 7.54
CA ARG A 235 -4.34 25.54 8.44
C ARG A 235 -4.87 26.31 9.65
N GLY A 236 -6.15 26.69 9.64
CA GLY A 236 -6.68 27.53 10.68
C GLY A 236 -6.31 28.99 10.48
N GLY A 237 -7.24 29.89 10.75
CA GLY A 237 -6.98 31.31 10.62
C GLY A 237 -7.00 32.03 11.95
N LYS A 238 -8.05 32.82 12.18
CA LYS A 238 -8.24 33.40 13.50
C LYS A 238 -8.77 32.38 14.49
N ALA A 239 -9.45 31.35 14.00
CA ALA A 239 -9.94 30.24 14.79
C ALA A 239 -9.58 28.93 14.10
N PRO A 240 -9.47 27.84 14.85
CA PRO A 240 -9.19 26.55 14.22
C PRO A 240 -10.30 26.14 13.27
N ASN A 241 -9.94 25.38 12.24
CA ASN A 241 -10.89 24.93 11.23
C ASN A 241 -10.74 23.44 10.95
N TYR A 242 -10.49 22.64 11.98
CA TYR A 242 -10.42 21.20 11.84
C TYR A 242 -11.70 20.48 12.27
N SER A 243 -12.65 21.21 12.85
CA SER A 243 -13.87 20.59 13.34
C SER A 243 -14.70 20.04 12.18
N PRO A 244 -15.56 19.06 12.45
CA PRO A 244 -16.41 18.53 11.37
C PRO A 244 -17.26 19.59 10.68
N ALA A 245 -17.70 20.63 11.41
CA ALA A 245 -18.46 21.70 10.77
C ALA A 245 -17.60 22.46 9.77
N ASP A 246 -16.39 22.85 10.18
CA ASP A 246 -15.51 23.57 9.27
C ASP A 246 -15.09 22.70 8.10
N VAL A 247 -14.89 21.41 8.35
CA VAL A 247 -14.56 20.48 7.27
C VAL A 247 -15.72 20.40 6.28
N ALA A 248 -16.95 20.33 6.78
CA ALA A 248 -18.11 20.29 5.90
C ALA A 248 -18.25 21.59 5.11
N GLN A 249 -17.95 22.72 5.74
CA GLN A 249 -18.01 24.00 5.03
C GLN A 249 -16.97 24.05 3.93
N CYS A 250 -15.77 23.51 4.18
CA CYS A 250 -14.75 23.47 3.14
C CYS A 250 -15.15 22.54 2.00
N GLU A 251 -15.73 21.38 2.33
CA GLU A 251 -16.27 20.50 1.29
C GLU A 251 -17.32 21.21 0.46
N LYS A 252 -18.19 21.99 1.11
CA LYS A 252 -19.24 22.71 0.41
C LYS A 252 -18.67 23.75 -0.55
N GLU A 253 -17.69 24.52 -0.07
CA GLU A 253 -17.08 25.54 -0.92
C GLU A 253 -16.27 24.90 -2.05
N MET A 254 -15.73 23.70 -1.84
CA MET A 254 -15.02 23.03 -2.93
C MET A 254 -15.97 22.47 -3.97
N GLU A 255 -17.09 21.89 -3.54
CA GLU A 255 -18.08 21.40 -4.48
C GLU A 255 -18.69 22.53 -5.28
N GLN A 256 -18.93 23.68 -4.64
CA GLN A 256 -19.48 24.82 -5.37
C GLN A 256 -18.49 25.36 -6.40
N ALA A 257 -17.19 25.16 -6.18
CA ALA A 257 -16.19 25.60 -7.12
C ALA A 257 -15.89 24.58 -8.22
N GLY A 258 -16.69 23.51 -8.30
CA GLY A 258 -16.46 22.50 -9.32
C GLY A 258 -15.25 21.63 -9.07
N LEU A 259 -14.87 21.45 -7.81
CA LEU A 259 -13.72 20.63 -7.43
C LEU A 259 -14.18 19.47 -6.56
N ARG A 260 -13.45 18.37 -6.63
CA ARG A 260 -13.70 17.26 -5.73
C ARG A 260 -13.14 17.60 -4.35
N PRO A 261 -13.92 17.43 -3.28
CA PRO A 261 -13.44 17.78 -1.93
C PRO A 261 -12.22 16.95 -1.56
N SER A 262 -11.09 17.63 -1.35
CA SER A 262 -9.83 16.97 -1.03
C SER A 262 -9.01 17.95 -0.20
N LEU A 263 -8.88 17.67 1.09
CA LEU A 263 -8.26 18.62 2.00
C LEU A 263 -7.33 17.90 2.96
N MET A 264 -6.32 18.63 3.42
CA MET A 264 -5.36 18.16 4.42
C MET A 264 -5.50 19.03 5.67
N VAL A 265 -5.55 18.40 6.83
CA VAL A 265 -5.68 19.10 8.10
C VAL A 265 -4.30 19.27 8.71
N ASP A 266 -3.91 20.52 8.93
CA ASP A 266 -2.66 20.83 9.59
C ASP A 266 -2.90 20.89 11.10
N CYS A 267 -2.27 19.97 11.85
CA CYS A 267 -2.33 20.01 13.30
C CYS A 267 -1.50 21.14 13.90
N SER A 268 -0.73 21.83 13.06
CA SER A 268 0.19 22.88 13.49
C SER A 268 -0.49 24.24 13.54
N HIS A 269 0.30 25.29 13.38
CA HIS A 269 0.14 26.64 13.92
C HIS A 269 -1.29 27.10 14.16
N GLY A 270 -2.15 27.05 13.14
CA GLY A 270 -3.48 27.61 13.32
C GLY A 270 -4.40 26.79 14.17
N ASN A 271 -4.42 25.48 13.96
CA ASN A 271 -5.34 24.59 14.67
C ASN A 271 -4.84 24.19 16.05
N SER A 272 -3.65 24.63 16.45
CA SER A 272 -3.17 24.42 17.81
C SER A 272 -2.74 25.72 18.47
N ASN A 273 -2.94 26.87 17.82
CA ASN A 273 -2.47 28.17 18.30
C ASN A 273 -0.96 28.15 18.55
N LYS A 274 -0.23 27.43 17.68
CA LYS A 274 1.22 27.29 17.79
C LYS A 274 1.62 26.77 19.16
N ASP A 275 0.90 25.75 19.63
CA ASP A 275 1.15 25.10 20.90
C ASP A 275 1.32 23.60 20.65
N TYR A 276 2.35 23.01 21.25
CA TYR A 276 2.71 21.64 20.91
C TYR A 276 1.71 20.63 21.48
N ARG A 277 1.11 20.93 22.64
CA ARG A 277 0.29 19.94 23.32
C ARG A 277 -1.02 19.64 22.61
N ARG A 278 -1.46 20.51 21.70
CA ARG A 278 -2.75 20.36 21.05
C ARG A 278 -2.70 19.61 19.72
N GLN A 279 -1.50 19.36 19.16
CA GLN A 279 -1.42 18.64 17.89
C GLN A 279 -2.00 17.24 17.96
N PRO A 280 -1.66 16.40 18.94
CA PRO A 280 -2.27 15.05 18.98
C PRO A 280 -3.78 15.10 19.10
N ALA A 281 -4.33 16.10 19.79
CA ALA A 281 -5.78 16.21 19.91
C ALA A 281 -6.44 16.51 18.57
N VAL A 282 -5.83 17.40 17.78
CA VAL A 282 -6.30 17.65 16.42
C VAL A 282 -6.25 16.37 15.60
N ALA A 283 -5.13 15.65 15.67
CA ALA A 283 -4.99 14.40 14.92
C ALA A 283 -6.06 13.39 15.33
N GLU A 284 -6.36 13.31 16.63
CA GLU A 284 -7.37 12.37 17.11
C GLU A 284 -8.76 12.78 16.66
N SER A 285 -9.04 14.08 16.61
CA SER A 285 -10.30 14.54 16.05
C SER A 285 -10.42 14.16 14.58
N VAL A 286 -9.34 14.27 13.82
CA VAL A 286 -9.37 13.90 12.41
C VAL A 286 -9.62 12.39 12.26
N VAL A 287 -8.98 11.58 13.11
CA VAL A 287 -9.22 10.15 13.08
C VAL A 287 -10.67 9.82 13.42
N ALA A 288 -11.22 10.51 14.42
CA ALA A 288 -12.61 10.29 14.78
C ALA A 288 -13.55 10.69 13.63
N GLN A 289 -13.20 11.75 12.90
CA GLN A 289 -13.99 12.14 11.75
C GLN A 289 -13.93 11.08 10.65
N ILE A 290 -12.75 10.50 10.44
CA ILE A 290 -12.62 9.43 9.44
C ILE A 290 -13.43 8.21 9.85
N LYS A 291 -13.47 7.91 11.16
CA LYS A 291 -14.27 6.80 11.64
C LYS A 291 -15.76 7.02 11.42
N ASP A 292 -16.21 8.28 11.45
CA ASP A 292 -17.61 8.59 11.24
C ASP A 292 -17.99 8.69 9.77
N GLY A 293 -17.10 8.33 8.86
CA GLY A 293 -17.42 8.27 7.46
C GLY A 293 -16.96 9.44 6.61
N ASN A 294 -16.06 10.28 7.12
CA ASN A 294 -15.55 11.38 6.32
C ASN A 294 -14.79 10.85 5.11
N ARG A 295 -15.02 11.49 3.96
CA ARG A 295 -14.41 11.08 2.70
C ARG A 295 -13.48 12.11 2.11
N SER A 296 -13.43 13.32 2.65
CA SER A 296 -12.65 14.40 2.06
C SER A 296 -11.27 14.54 2.68
N ILE A 297 -11.11 14.18 3.94
CA ILE A 297 -9.83 14.35 4.61
C ILE A 297 -8.82 13.38 4.03
N ILE A 298 -7.74 13.92 3.45
CA ILE A 298 -6.75 13.13 2.74
C ILE A 298 -5.46 12.96 3.54
N GLY A 299 -5.11 13.93 4.38
CA GLY A 299 -3.87 13.80 5.12
C GLY A 299 -3.79 14.75 6.30
N LEU A 300 -2.70 14.60 7.03
CA LEU A 300 -2.36 15.43 8.17
C LEU A 300 -0.99 16.05 7.96
N MET A 301 -0.75 17.16 8.66
CA MET A 301 0.57 17.79 8.70
C MET A 301 0.98 17.94 10.16
N ILE A 302 2.21 17.55 10.47
CA ILE A 302 2.72 17.52 11.84
C ILE A 302 4.13 18.12 11.86
N GLU A 303 4.32 19.15 12.68
CA GLU A 303 5.63 19.72 12.94
C GLU A 303 6.23 19.02 14.15
N SER A 304 7.32 18.30 13.95
CA SER A 304 7.90 17.47 14.99
C SER A 304 9.41 17.45 14.85
N ASN A 305 10.11 17.78 15.92
CA ASN A 305 11.56 17.73 15.95
C ASN A 305 12.01 16.65 16.95
N ILE A 306 13.32 16.57 17.16
CA ILE A 306 13.87 15.58 18.09
C ILE A 306 13.28 15.79 19.48
N HIS A 307 13.26 17.03 19.96
CA HIS A 307 12.77 17.36 21.28
C HIS A 307 11.61 18.34 21.20
N GLU A 308 10.91 18.48 22.32
CA GLU A 308 9.74 19.34 22.40
C GLU A 308 10.14 20.81 22.40
N GLY A 309 9.14 21.69 22.44
CA GLY A 309 9.38 23.12 22.45
C GLY A 309 8.97 23.80 21.14
N THR A 327 10.65 30.77 16.67
CA THR A 327 10.66 29.68 17.64
C THR A 327 9.35 28.90 17.59
N ASP A 328 9.23 28.01 16.61
CA ASP A 328 8.00 27.24 16.43
C ASP A 328 7.87 26.16 17.49
N ALA A 329 6.63 25.77 17.78
CA ALA A 329 6.32 24.78 18.81
C ALA A 329 6.08 23.43 18.14
N CYS A 330 7.17 22.70 17.94
CA CYS A 330 7.14 21.37 17.35
C CYS A 330 7.12 20.33 18.45
N ILE A 331 6.44 19.22 18.19
CA ILE A 331 6.30 18.18 19.20
C ILE A 331 7.55 17.30 19.24
N SER A 332 7.73 16.60 20.36
CA SER A 332 8.89 15.74 20.55
C SER A 332 8.78 14.49 19.68
N TRP A 333 9.91 13.81 19.50
CA TRP A 333 9.89 12.59 18.70
C TRP A 333 9.17 11.46 19.41
N GLU A 334 9.25 11.39 20.74
CA GLU A 334 8.48 10.38 21.47
C GLU A 334 6.99 10.58 21.25
N MET A 335 6.52 11.82 21.33
CA MET A 335 5.12 12.11 21.04
C MET A 335 4.78 11.81 19.59
N THR A 336 5.70 12.05 18.66
CA THR A 336 5.44 11.75 17.25
C THR A 336 5.26 10.26 17.04
N ASP A 337 6.16 9.45 17.62
CA ASP A 337 6.02 8.01 17.54
C ASP A 337 4.70 7.56 18.15
N ALA A 338 4.38 8.04 19.34
CA ALA A 338 3.14 7.65 20.01
C ALA A 338 1.92 8.03 19.18
N LEU A 339 1.92 9.24 18.61
CA LEU A 339 0.76 9.73 17.88
C LEU A 339 0.57 8.96 16.57
N LEU A 340 1.66 8.72 15.84
CA LEU A 340 1.54 7.96 14.60
C LEU A 340 1.13 6.52 14.88
N ARG A 341 1.61 5.94 15.98
CA ARG A 341 1.17 4.60 16.35
C ARG A 341 -0.31 4.57 16.70
N GLU A 342 -0.79 5.59 17.43
CA GLU A 342 -2.21 5.63 17.77
C GLU A 342 -3.08 5.79 16.52
N ILE A 343 -2.68 6.67 15.61
CA ILE A 343 -3.44 6.85 14.36
C ILE A 343 -3.44 5.56 13.56
N HIS A 344 -2.29 4.90 13.45
CA HIS A 344 -2.22 3.64 12.73
C HIS A 344 -3.13 2.58 13.35
N GLN A 345 -3.13 2.50 14.69
CA GLN A 345 -3.92 1.47 15.36
C GLN A 345 -5.41 1.77 15.29
N ASP A 346 -5.80 3.05 15.21
CA ASP A 346 -7.21 3.40 15.14
C ASP A 346 -7.78 3.36 13.73
N LEU A 347 -6.94 3.58 12.70
CA LEU A 347 -7.40 3.56 11.32
C LEU A 347 -7.51 2.17 10.73
N ASN A 348 -7.31 1.11 11.53
CA ASN A 348 -7.27 -0.25 10.98
C ASN A 348 -8.55 -0.59 10.23
N GLY A 349 -9.71 -0.37 10.86
CA GLY A 349 -10.95 -0.62 10.15
C GLY A 349 -11.23 0.45 9.12
N GLN A 350 -10.98 0.09 7.85
CA GLN A 350 -11.16 0.96 6.69
C GLN A 350 -10.39 0.36 5.50
N HIS B 10 -5.99 -49.06 24.51
CA HIS B 10 -7.25 -48.51 24.99
C HIS B 10 -7.22 -46.99 24.89
N ILE B 11 -8.38 -46.36 25.06
CA ILE B 11 -8.52 -44.91 25.05
C ILE B 11 -8.76 -44.45 26.47
N THR B 12 -7.94 -43.52 26.95
CA THR B 12 -7.96 -43.12 28.35
C THR B 12 -8.86 -41.92 28.61
N ASP B 13 -8.65 -40.83 27.87
CA ASP B 13 -9.39 -39.60 28.10
C ASP B 13 -10.06 -39.15 26.81
N GLU B 14 -11.16 -38.40 26.98
CA GLU B 14 -12.06 -38.07 25.88
C GLU B 14 -12.66 -36.70 26.17
N GLN B 15 -12.03 -35.65 25.64
CA GLN B 15 -12.36 -34.28 25.99
C GLN B 15 -12.80 -33.51 24.75
N VAL B 16 -14.00 -32.93 24.81
CA VAL B 16 -14.64 -32.35 23.63
C VAL B 16 -13.88 -31.11 23.18
N LEU B 17 -13.73 -30.96 21.86
CA LEU B 17 -13.09 -29.80 21.28
C LEU B 17 -14.09 -28.66 21.13
N MET B 18 -13.58 -27.44 21.15
CA MET B 18 -14.41 -26.26 20.91
C MET B 18 -15.04 -26.32 19.52
N THR B 19 -16.35 -26.14 19.47
CA THR B 19 -17.08 -26.26 18.22
C THR B 19 -16.85 -25.03 17.35
N PRO B 20 -17.14 -25.12 16.04
CA PRO B 20 -17.07 -23.91 15.19
C PRO B 20 -17.98 -22.79 15.67
N GLU B 21 -19.16 -23.13 16.22
CA GLU B 21 -20.05 -22.11 16.77
C GLU B 21 -19.37 -21.35 17.91
N GLN B 22 -18.80 -22.08 18.87
CA GLN B 22 -18.13 -21.45 20.00
C GLN B 22 -16.93 -20.63 19.54
N LEU B 23 -16.18 -21.15 18.57
CA LEU B 23 -15.01 -20.41 18.08
C LEU B 23 -15.41 -19.12 17.39
N LYS B 24 -16.43 -19.18 16.54
CA LYS B 24 -16.88 -17.98 15.84
C LYS B 24 -17.58 -17.00 16.79
N ALA B 25 -18.13 -17.48 17.91
CA ALA B 25 -18.68 -16.56 18.89
C ALA B 25 -17.60 -15.91 19.73
N ALA B 26 -16.49 -16.64 19.98
CA ALA B 26 -15.40 -16.06 20.75
C ALA B 26 -14.64 -15.02 19.92
N PHE B 27 -14.42 -15.30 18.64
CA PHE B 27 -13.69 -14.42 17.74
C PHE B 27 -14.58 -14.13 16.54
N PRO B 28 -15.50 -13.18 16.65
CA PRO B 28 -16.52 -12.99 15.64
C PRO B 28 -16.12 -12.03 14.52
N LEU B 29 -16.76 -12.24 13.37
CA LEU B 29 -16.68 -11.29 12.27
C LEU B 29 -17.72 -10.19 12.44
N SER B 30 -17.33 -8.97 12.14
CA SER B 30 -18.31 -7.90 12.08
C SER B 30 -19.06 -7.98 10.75
N LEU B 31 -20.20 -7.28 10.69
CA LEU B 31 -20.98 -7.25 9.46
C LEU B 31 -20.19 -6.60 8.34
N GLN B 32 -19.42 -5.55 8.66
CA GLN B 32 -18.59 -4.89 7.65
C GLN B 32 -17.51 -5.81 7.11
N GLN B 33 -16.85 -6.56 7.99
CA GLN B 33 -15.80 -7.47 7.53
C GLN B 33 -16.38 -8.60 6.71
N GLU B 34 -17.56 -9.09 7.09
CA GLU B 34 -18.22 -10.11 6.29
C GLU B 34 -18.59 -9.58 4.91
N ALA B 35 -19.07 -8.34 4.85
CA ALA B 35 -19.36 -7.73 3.55
C ALA B 35 -18.09 -7.56 2.73
N GLN B 36 -16.98 -7.21 3.37
CA GLN B 36 -15.71 -7.08 2.66
C GLN B 36 -15.25 -8.42 2.10
N ILE B 37 -15.36 -9.48 2.90
CA ILE B 37 -14.99 -10.82 2.43
C ILE B 37 -15.87 -11.22 1.25
N ALA B 38 -17.16 -10.91 1.32
CA ALA B 38 -18.06 -11.23 0.21
C ALA B 38 -17.69 -10.45 -1.05
N ASP B 39 -17.38 -9.16 -0.89
CA ASP B 39 -16.95 -8.35 -2.04
C ASP B 39 -15.67 -8.90 -2.67
N SER B 40 -14.72 -9.33 -1.84
CA SER B 40 -13.47 -9.86 -2.37
C SER B 40 -13.69 -11.20 -3.07
N ARG B 41 -14.53 -12.05 -2.50
CA ARG B 41 -14.89 -13.30 -3.16
C ARG B 41 -15.52 -13.03 -4.52
N LYS B 42 -16.44 -12.06 -4.58
CA LYS B 42 -17.08 -11.73 -5.86
C LYS B 42 -16.06 -11.20 -6.86
N SER B 43 -15.14 -10.34 -6.41
CA SER B 43 -14.15 -9.78 -7.33
C SER B 43 -13.22 -10.87 -7.87
N ILE B 44 -12.79 -11.79 -7.00
CA ILE B 44 -11.93 -12.88 -7.45
C ILE B 44 -12.67 -13.79 -8.41
N SER B 45 -13.94 -14.06 -8.14
CA SER B 45 -14.73 -14.91 -9.04
C SER B 45 -14.93 -14.23 -10.39
N ASP B 46 -15.11 -12.91 -10.40
CA ASP B 46 -15.23 -12.19 -11.66
C ASP B 46 -13.91 -12.18 -12.42
N ILE B 47 -12.79 -12.10 -11.71
CA ILE B 47 -11.48 -12.23 -12.36
C ILE B 47 -11.36 -13.59 -13.01
N ILE B 48 -11.73 -14.65 -12.29
CA ILE B 48 -11.64 -16.00 -12.82
C ILE B 48 -12.54 -16.17 -14.03
N ALA B 49 -13.76 -15.64 -13.96
CA ALA B 49 -14.73 -15.79 -15.04
C ALA B 49 -14.39 -14.94 -16.26
N GLY B 50 -13.48 -13.99 -16.14
CA GLY B 50 -13.14 -13.14 -17.25
C GLY B 50 -13.89 -11.83 -17.32
N ARG B 51 -14.72 -11.54 -16.32
CA ARG B 51 -15.48 -10.30 -16.27
C ARG B 51 -14.68 -9.14 -15.66
N ASP B 52 -13.56 -9.42 -14.99
CA ASP B 52 -12.71 -8.41 -14.39
C ASP B 52 -11.36 -8.41 -15.07
N PRO B 53 -10.87 -7.26 -15.54
CA PRO B 53 -9.60 -7.25 -16.28
C PRO B 53 -8.38 -7.43 -15.41
N ARG B 54 -8.49 -7.24 -14.10
CA ARG B 54 -7.32 -7.32 -13.23
C ARG B 54 -6.82 -8.76 -13.12
N LEU B 55 -5.51 -8.90 -12.93
CA LEU B 55 -4.86 -10.19 -12.80
C LEU B 55 -4.82 -10.60 -11.33
N LEU B 56 -5.30 -11.81 -11.05
CA LEU B 56 -5.27 -12.33 -9.69
C LEU B 56 -3.84 -12.66 -9.27
N VAL B 57 -3.46 -12.25 -8.07
CA VAL B 57 -2.11 -12.55 -7.60
C VAL B 57 -2.15 -13.08 -6.18
N VAL B 58 -2.07 -14.40 -6.03
CA VAL B 58 -2.01 -15.04 -4.72
C VAL B 58 -0.56 -15.11 -4.32
N CYS B 59 -0.18 -14.30 -3.33
CA CYS B 59 1.21 -14.19 -2.92
C CYS B 59 1.29 -14.17 -1.40
N GLY B 60 2.34 -14.79 -0.88
CA GLY B 60 2.55 -14.75 0.55
C GLY B 60 3.58 -15.73 1.07
N PRO B 61 3.70 -15.80 2.39
CA PRO B 61 4.73 -16.65 2.99
C PRO B 61 4.57 -18.11 2.61
N CYS B 62 5.72 -18.79 2.55
CA CYS B 62 5.75 -20.23 2.31
C CYS B 62 4.89 -20.97 3.32
N SER B 63 4.96 -20.57 4.59
CA SER B 63 4.06 -21.10 5.60
C SER B 63 4.12 -20.15 6.78
N ILE B 64 2.99 -20.03 7.47
CA ILE B 64 2.86 -19.13 8.60
C ILE B 64 3.16 -19.91 9.87
N HIS B 65 4.17 -19.46 10.62
CA HIS B 65 4.43 -20.03 11.94
C HIS B 65 4.72 -18.97 12.98
N ASP B 66 4.29 -17.73 12.75
CA ASP B 66 4.41 -16.67 13.75
C ASP B 66 3.40 -15.57 13.42
N PRO B 67 2.55 -15.19 14.37
CA PRO B 67 1.57 -14.12 14.07
C PRO B 67 2.20 -12.77 13.80
N GLU B 68 3.29 -12.45 14.49
CA GLU B 68 3.92 -11.14 14.33
C GLU B 68 4.62 -11.03 12.97
N THR B 69 5.32 -12.08 12.56
CA THR B 69 5.90 -12.12 11.22
C THR B 69 4.81 -11.97 10.16
N ALA B 70 3.70 -12.68 10.35
CA ALA B 70 2.59 -12.59 9.40
C ALA B 70 2.03 -11.18 9.35
N LEU B 71 1.93 -10.52 10.51
CA LEU B 71 1.39 -9.15 10.53
C LEU B 71 2.33 -8.17 9.85
N GLU B 72 3.64 -8.31 10.06
CA GLU B 72 4.59 -7.42 9.39
C GLU B 72 4.56 -7.63 7.88
N TYR B 73 4.57 -8.89 7.46
CA TYR B 73 4.43 -9.19 6.04
C TYR B 73 3.13 -8.62 5.48
N ALA B 74 2.05 -8.68 6.29
CA ALA B 74 0.75 -8.19 5.82
C ALA B 74 0.73 -6.68 5.70
N ARG B 75 1.41 -5.98 6.61
CA ARG B 75 1.52 -4.53 6.48
C ARG B 75 2.26 -4.15 5.21
N ARG B 76 3.39 -4.80 4.95
CA ARG B 76 4.12 -4.53 3.71
C ARG B 76 3.28 -4.89 2.49
N PHE B 77 2.56 -6.01 2.56
CA PHE B 77 1.74 -6.47 1.44
C PHE B 77 0.59 -5.51 1.17
N LYS B 78 -0.03 -4.98 2.21
CA LYS B 78 -1.11 -4.02 2.05
C LYS B 78 -0.59 -2.71 1.48
N ALA B 79 0.58 -2.26 1.96
CA ALA B 79 1.17 -1.05 1.40
C ALA B 79 1.49 -1.23 -0.08
N LEU B 80 1.93 -2.43 -0.47
CA LEU B 80 2.24 -2.67 -1.88
C LEU B 80 0.99 -2.77 -2.73
N ALA B 81 -0.06 -3.45 -2.21
CA ALA B 81 -1.28 -3.64 -2.98
C ALA B 81 -1.96 -2.32 -3.28
N ALA B 82 -1.84 -1.34 -2.38
CA ALA B 82 -2.44 -0.03 -2.62
C ALA B 82 -1.79 0.69 -3.80
N GLU B 83 -0.61 0.25 -4.22
CA GLU B 83 0.11 0.89 -5.31
C GLU B 83 0.02 0.14 -6.63
N VAL B 84 -0.41 -1.12 -6.62
CA VAL B 84 -0.57 -1.92 -7.82
C VAL B 84 -2.01 -2.37 -8.00
N SER B 85 -2.95 -1.70 -7.33
CA SER B 85 -4.35 -2.14 -7.34
C SER B 85 -5.03 -1.91 -8.68
N ASP B 86 -4.47 -1.08 -9.55
CA ASP B 86 -5.12 -0.81 -10.83
C ASP B 86 -5.01 -2.02 -11.76
N SER B 87 -3.87 -2.70 -11.76
CA SER B 87 -3.64 -3.83 -12.65
C SER B 87 -3.67 -5.18 -11.96
N LEU B 88 -3.27 -5.25 -10.68
CA LEU B 88 -3.19 -6.51 -9.96
C LEU B 88 -4.14 -6.50 -8.76
N TYR B 89 -4.64 -7.68 -8.42
CA TYR B 89 -5.52 -7.88 -7.27
C TYR B 89 -4.80 -8.82 -6.31
N LEU B 90 -4.25 -8.27 -5.24
CA LEU B 90 -3.36 -9.02 -4.36
C LEU B 90 -4.14 -9.77 -3.29
N VAL B 91 -3.86 -11.06 -3.17
CA VAL B 91 -4.47 -11.93 -2.16
C VAL B 91 -3.34 -12.59 -1.37
N MET B 92 -3.41 -12.50 -0.06
CA MET B 92 -2.35 -13.01 0.80
C MET B 92 -2.69 -14.44 1.23
N ARG B 93 -1.79 -15.37 0.92
CA ARG B 93 -1.96 -16.75 1.36
C ARG B 93 -1.46 -16.90 2.79
N VAL B 94 -2.33 -17.43 3.64
CA VAL B 94 -2.03 -17.66 5.05
C VAL B 94 -2.06 -19.17 5.24
N TYR B 95 -0.89 -19.80 5.18
CA TYR B 95 -0.76 -21.25 5.18
C TYR B 95 -0.20 -21.69 6.53
N PHE B 96 -0.99 -22.43 7.30
CA PHE B 96 -0.59 -22.86 8.64
C PHE B 96 0.02 -24.26 8.62
N GLU B 97 -0.75 -25.25 8.19
CA GLU B 97 -0.36 -26.65 8.24
C GLU B 97 -0.03 -27.13 6.83
N LYS B 98 1.17 -27.71 6.66
CA LYS B 98 1.63 -28.11 5.34
C LYS B 98 1.67 -29.63 5.21
N PRO B 99 1.37 -30.17 4.02
CA PRO B 99 1.29 -31.62 3.79
C PRO B 99 2.66 -32.25 3.52
N GLY B 104 7.80 -33.69 12.26
CA GLY B 104 8.27 -32.56 13.05
C GLY B 104 7.14 -31.76 13.68
N TRP B 105 7.29 -30.45 13.67
CA TRP B 105 6.28 -29.57 14.24
C TRP B 105 5.09 -29.45 13.29
N LYS B 106 3.93 -29.13 13.87
CA LYS B 106 2.66 -29.23 13.16
C LYS B 106 2.13 -27.90 12.64
N GLY B 107 2.69 -26.78 13.07
CA GLY B 107 2.39 -25.51 12.41
C GLY B 107 1.29 -24.66 13.01
N LEU B 108 1.36 -24.39 14.31
CA LEU B 108 0.68 -23.32 15.03
C LEU B 108 -0.81 -23.57 15.23
N ILE B 109 -1.40 -24.61 14.63
CA ILE B 109 -2.79 -24.98 14.85
C ILE B 109 -2.89 -26.29 15.61
N ASN B 110 -2.16 -27.31 15.17
CA ASN B 110 -2.09 -28.58 15.87
C ASN B 110 -1.06 -28.59 16.99
N ASP B 111 -0.22 -27.56 17.08
CA ASP B 111 0.78 -27.46 18.14
C ASP B 111 1.26 -26.01 18.26
N PRO B 112 0.47 -25.13 18.87
CA PRO B 112 0.88 -23.72 18.95
C PRO B 112 1.98 -23.44 19.96
N HIS B 113 2.32 -24.39 20.83
CA HIS B 113 3.34 -24.18 21.83
C HIS B 113 4.68 -24.82 21.47
N MET B 114 4.76 -25.48 20.32
CA MET B 114 6.02 -26.02 19.80
C MET B 114 6.67 -27.00 20.77
N ASP B 115 5.87 -27.68 21.59
CA ASP B 115 6.40 -28.61 22.58
C ASP B 115 5.71 -29.97 22.54
N GLY B 116 5.05 -30.29 21.44
CA GLY B 116 4.34 -31.55 21.34
C GLY B 116 3.12 -31.68 22.22
N SER B 117 2.70 -30.59 22.87
CA SER B 117 1.51 -30.64 23.72
C SER B 117 0.24 -30.80 22.89
N PHE B 118 0.25 -30.27 21.66
CA PHE B 118 -0.87 -30.39 20.72
C PHE B 118 -2.15 -29.81 21.33
N ASP B 119 -2.07 -28.54 21.71
CA ASP B 119 -3.21 -27.80 22.24
C ASP B 119 -3.99 -27.24 21.06
N VAL B 120 -4.93 -28.03 20.54
CA VAL B 120 -5.62 -27.66 19.31
C VAL B 120 -6.60 -26.52 19.55
N GLU B 121 -7.18 -26.43 20.75
CA GLU B 121 -8.08 -25.32 21.05
C GLU B 121 -7.33 -23.99 20.98
N ALA B 122 -6.19 -23.91 21.67
CA ALA B 122 -5.38 -22.70 21.61
C ALA B 122 -4.93 -22.40 20.18
N GLY B 123 -4.58 -23.43 19.43
CA GLY B 123 -4.14 -23.23 18.06
C GLY B 123 -5.24 -22.63 17.20
N LEU B 124 -6.45 -23.18 17.30
CA LEU B 124 -7.57 -22.65 16.54
C LEU B 124 -7.86 -21.21 16.94
N GLN B 125 -7.82 -20.91 18.24
CA GLN B 125 -8.10 -19.55 18.70
C GLN B 125 -7.04 -18.57 18.19
N ILE B 126 -5.77 -18.96 18.26
CA ILE B 126 -4.70 -18.07 17.81
C ILE B 126 -4.77 -17.85 16.31
N ALA B 127 -5.01 -18.93 15.55
CA ALA B 127 -5.13 -18.79 14.11
C ALA B 127 -6.31 -17.90 13.74
N ARG B 128 -7.45 -18.07 14.41
CA ARG B 128 -8.61 -17.25 14.13
C ARG B 128 -8.35 -15.79 14.48
N LYS B 129 -7.66 -15.54 15.60
CA LYS B 129 -7.33 -14.17 15.98
C LYS B 129 -6.42 -13.52 14.95
N LEU B 130 -5.40 -14.25 14.48
CA LEU B 130 -4.52 -13.70 13.46
C LEU B 130 -5.27 -13.43 12.17
N LEU B 131 -6.11 -14.36 11.72
CA LEU B 131 -6.86 -14.17 10.49
C LEU B 131 -7.84 -13.00 10.62
N LEU B 132 -8.43 -12.83 11.80
CA LEU B 132 -9.34 -11.72 12.03
C LEU B 132 -8.59 -10.39 11.97
N GLU B 133 -7.38 -10.36 12.52
CA GLU B 133 -6.56 -9.14 12.42
C GLU B 133 -6.18 -8.87 10.96
N LEU B 134 -5.88 -9.92 10.19
CA LEU B 134 -5.51 -9.73 8.79
C LEU B 134 -6.68 -9.23 7.96
N VAL B 135 -7.87 -9.77 8.22
CA VAL B 135 -9.06 -9.29 7.51
C VAL B 135 -9.38 -7.85 7.92
N ASN B 136 -9.20 -7.54 9.21
CA ASN B 136 -9.45 -6.18 9.69
C ASN B 136 -8.55 -5.17 8.99
N MET B 137 -7.36 -5.58 8.55
CA MET B 137 -6.50 -4.71 7.76
C MET B 137 -7.02 -4.49 6.35
N GLY B 138 -8.12 -5.14 5.98
CA GLY B 138 -8.65 -5.02 4.63
C GLY B 138 -7.82 -5.79 3.61
N LEU B 139 -7.51 -7.05 3.93
CA LEU B 139 -6.68 -7.89 3.09
C LEU B 139 -7.43 -9.18 2.76
N PRO B 140 -7.68 -9.47 1.48
CA PRO B 140 -8.27 -10.78 1.14
C PRO B 140 -7.25 -11.88 1.37
N LEU B 141 -7.73 -13.00 1.90
CA LEU B 141 -6.88 -14.10 2.33
C LEU B 141 -7.09 -15.32 1.45
N ALA B 142 -6.03 -16.12 1.32
CA ALA B 142 -6.06 -17.35 0.55
C ALA B 142 -5.57 -18.49 1.43
N THR B 143 -6.09 -19.69 1.18
CA THR B 143 -5.65 -20.84 1.96
C THR B 143 -5.65 -22.11 1.11
N GLU B 144 -5.01 -23.13 1.65
CA GLU B 144 -4.98 -24.47 1.06
C GLU B 144 -5.56 -25.43 2.08
N ALA B 145 -6.74 -25.96 1.79
CA ALA B 145 -7.46 -26.81 2.73
C ALA B 145 -6.89 -28.23 2.68
N LEU B 146 -6.25 -28.65 3.76
CA LEU B 146 -5.78 -30.03 3.92
C LEU B 146 -6.73 -30.83 4.78
N ASP B 147 -7.05 -30.35 5.96
CA ASP B 147 -8.07 -30.97 6.80
C ASP B 147 -9.43 -30.67 6.21
N PRO B 148 -10.22 -31.67 5.82
CA PRO B 148 -11.54 -31.38 5.22
C PRO B 148 -12.50 -30.67 6.16
N ASN B 149 -12.27 -30.73 7.47
CA ASN B 149 -13.17 -30.11 8.44
C ASN B 149 -12.71 -28.75 8.93
N SER B 150 -11.51 -28.32 8.56
CA SER B 150 -11.01 -27.01 8.96
C SER B 150 -11.76 -25.84 8.34
N PRO B 151 -12.28 -25.94 7.10
CA PRO B 151 -13.11 -24.84 6.58
C PRO B 151 -14.37 -24.57 7.39
N GLN B 152 -14.80 -25.53 8.21
CA GLN B 152 -15.92 -25.27 9.11
C GLN B 152 -15.56 -24.32 10.23
N TYR B 153 -14.28 -24.20 10.56
CA TYR B 153 -13.82 -23.34 11.65
C TYR B 153 -13.34 -21.98 11.16
N LEU B 154 -12.57 -21.94 10.07
CA LEU B 154 -11.97 -20.70 9.61
C LEU B 154 -12.39 -20.29 8.21
N GLY B 155 -13.13 -21.15 7.51
CA GLY B 155 -13.45 -20.89 6.11
C GLY B 155 -14.17 -19.56 5.87
N ASP B 156 -14.89 -19.06 6.86
CA ASP B 156 -15.59 -17.80 6.68
C ASP B 156 -14.65 -16.60 6.56
N LEU B 157 -13.34 -16.79 6.73
CA LEU B 157 -12.39 -15.69 6.71
C LEU B 157 -11.62 -15.57 5.40
N PHE B 158 -11.66 -16.60 4.55
CA PHE B 158 -10.86 -16.64 3.33
C PHE B 158 -11.69 -16.29 2.11
N SER B 159 -11.02 -15.72 1.11
CA SER B 159 -11.65 -15.37 -0.15
C SER B 159 -11.24 -16.26 -1.30
N TRP B 160 -10.29 -17.18 -1.08
CA TRP B 160 -9.82 -18.05 -2.16
C TRP B 160 -9.17 -19.28 -1.54
N SER B 161 -9.43 -20.43 -2.15
CA SER B 161 -8.88 -21.68 -1.65
C SER B 161 -8.22 -22.46 -2.78
N ALA B 162 -7.30 -23.34 -2.39
CA ALA B 162 -6.59 -24.20 -3.33
C ALA B 162 -6.67 -25.65 -2.88
N ILE B 163 -6.79 -26.56 -3.85
CA ILE B 163 -6.86 -27.99 -3.60
C ILE B 163 -5.61 -28.65 -4.15
N GLY B 164 -4.95 -29.46 -3.32
CA GLY B 164 -3.57 -29.86 -3.52
C GLY B 164 -3.38 -31.02 -4.48
N ALA B 165 -2.18 -31.59 -4.43
CA ALA B 165 -1.75 -32.59 -5.43
C ALA B 165 -2.36 -33.96 -5.18
N ARG B 166 -2.01 -34.59 -4.06
CA ARG B 166 -2.61 -35.85 -3.66
C ARG B 166 -4.01 -35.64 -3.09
N THR B 167 -4.41 -34.38 -2.95
CA THR B 167 -5.69 -33.96 -2.45
C THR B 167 -6.73 -33.83 -3.55
N THR B 168 -6.30 -33.51 -4.77
CA THR B 168 -7.23 -33.30 -5.88
C THR B 168 -7.98 -34.58 -6.23
N GLU B 169 -7.25 -35.66 -6.45
CA GLU B 169 -7.88 -36.93 -6.85
C GLU B 169 -8.73 -37.52 -5.74
N SER B 170 -8.49 -37.12 -4.48
CA SER B 170 -9.34 -37.57 -3.38
C SER B 170 -10.73 -36.99 -3.52
N GLN B 171 -11.74 -37.85 -3.40
CA GLN B 171 -13.13 -37.41 -3.60
C GLN B 171 -13.65 -36.60 -2.41
N THR B 172 -13.17 -36.88 -1.20
CA THR B 172 -13.57 -36.09 -0.05
C THR B 172 -13.29 -34.61 -0.28
N HIS B 173 -12.19 -34.30 -0.95
CA HIS B 173 -11.81 -32.91 -1.14
C HIS B 173 -12.58 -32.25 -2.29
N ARG B 174 -12.93 -33.01 -3.34
CA ARG B 174 -13.81 -32.41 -4.34
C ARG B 174 -15.20 -32.15 -3.78
N GLU B 175 -15.67 -33.02 -2.88
CA GLU B 175 -16.93 -32.76 -2.19
C GLU B 175 -16.83 -31.51 -1.31
N MET B 176 -15.76 -31.43 -0.52
CA MET B 176 -15.56 -30.24 0.32
C MET B 176 -15.45 -28.98 -0.53
N ALA B 177 -14.83 -29.07 -1.70
CA ALA B 177 -14.73 -27.92 -2.60
C ALA B 177 -16.09 -27.52 -3.12
N SER B 178 -16.92 -28.50 -3.49
CA SER B 178 -18.30 -28.19 -3.85
C SER B 178 -19.04 -27.55 -2.69
N GLY B 179 -18.62 -27.81 -1.45
CA GLY B 179 -19.21 -27.17 -0.29
C GLY B 179 -18.66 -25.81 0.08
N LEU B 180 -17.51 -25.42 -0.47
CA LEU B 180 -16.90 -24.15 -0.10
C LEU B 180 -17.68 -22.97 -0.67
N SER B 181 -17.51 -21.81 -0.03
CA SER B 181 -18.21 -20.60 -0.41
C SER B 181 -17.33 -19.65 -1.21
N MET B 182 -16.10 -20.01 -1.48
CA MET B 182 -15.10 -19.14 -2.07
C MET B 182 -14.68 -19.62 -3.44
N PRO B 183 -14.11 -18.73 -4.26
CA PRO B 183 -13.41 -19.19 -5.47
C PRO B 183 -12.30 -20.17 -5.12
N VAL B 184 -12.05 -21.10 -6.04
CA VAL B 184 -11.25 -22.28 -5.76
C VAL B 184 -10.38 -22.60 -6.96
N GLY B 185 -9.10 -22.89 -6.71
CA GLY B 185 -8.19 -23.37 -7.72
C GLY B 185 -7.71 -24.79 -7.43
N PHE B 186 -7.76 -25.65 -8.44
CA PHE B 186 -7.38 -27.05 -8.31
C PHE B 186 -6.00 -27.23 -8.94
N LYS B 187 -5.08 -27.82 -8.20
CA LYS B 187 -3.74 -28.04 -8.73
C LYS B 187 -3.70 -29.31 -9.55
N ASN B 188 -2.91 -29.29 -10.62
CA ASN B 188 -2.75 -30.48 -11.46
C ASN B 188 -2.06 -31.59 -10.67
N GLY B 189 -1.96 -32.76 -11.29
CA GLY B 189 -1.33 -33.88 -10.63
C GLY B 189 0.16 -33.68 -10.45
N THR B 190 0.71 -34.40 -9.47
CA THR B 190 2.16 -34.35 -9.23
C THR B 190 2.93 -34.87 -10.43
N ASP B 191 2.31 -35.76 -11.22
CA ASP B 191 2.89 -36.22 -12.48
C ASP B 191 2.58 -35.28 -13.63
N GLY B 192 2.05 -34.08 -13.35
CA GLY B 192 1.68 -33.15 -14.40
C GLY B 192 0.33 -33.39 -15.02
N SER B 193 -0.50 -34.25 -14.43
CA SER B 193 -1.79 -34.60 -15.01
C SER B 193 -2.77 -33.45 -14.90
N LEU B 194 -3.23 -32.93 -16.05
CA LEU B 194 -4.27 -31.92 -16.05
C LEU B 194 -5.66 -32.51 -15.90
N ALA B 195 -5.82 -33.80 -16.24
CA ALA B 195 -7.14 -34.41 -16.19
C ALA B 195 -7.69 -34.47 -14.77
N THR B 196 -6.82 -34.71 -13.79
CA THR B 196 -7.26 -34.76 -12.40
C THR B 196 -7.81 -33.41 -11.95
N ALA B 197 -7.09 -32.33 -12.25
CA ALA B 197 -7.57 -31.00 -11.90
C ALA B 197 -8.86 -30.66 -12.63
N ILE B 198 -8.94 -31.00 -13.92
CA ILE B 198 -10.15 -30.70 -14.69
C ILE B 198 -11.35 -31.46 -14.14
N ASN B 199 -11.16 -32.74 -13.80
CA ASN B 199 -12.26 -33.54 -13.28
C ASN B 199 -12.69 -33.07 -11.90
N ALA B 200 -11.73 -32.70 -11.05
CA ALA B 200 -12.09 -32.17 -9.74
C ALA B 200 -12.82 -30.85 -9.87
N MET B 201 -12.43 -30.01 -10.83
CA MET B 201 -13.11 -28.75 -11.06
C MET B 201 -14.53 -28.98 -11.57
N ARG B 202 -14.71 -29.97 -12.46
CA ARG B 202 -16.04 -30.28 -12.97
C ARG B 202 -16.93 -30.86 -11.87
N ALA B 203 -16.37 -31.70 -11.01
CA ALA B 203 -17.17 -32.35 -9.97
C ALA B 203 -17.51 -31.37 -8.85
N ALA B 204 -16.59 -30.45 -8.53
CA ALA B 204 -16.87 -29.46 -7.50
C ALA B 204 -17.96 -28.50 -7.91
N ALA B 205 -18.21 -28.34 -9.22
CA ALA B 205 -19.30 -27.50 -9.69
C ALA B 205 -20.66 -28.12 -9.46
N GLN B 206 -20.73 -29.42 -9.11
CA GLN B 206 -21.96 -30.18 -8.94
C GLN B 206 -22.32 -30.33 -7.46
N PRO B 207 -23.61 -30.48 -7.16
CA PRO B 207 -24.02 -30.73 -5.78
C PRO B 207 -23.44 -32.04 -5.27
N HIS B 208 -23.25 -32.11 -3.95
CA HIS B 208 -22.66 -33.31 -3.35
C HIS B 208 -23.24 -33.54 -1.96
N ARG B 209 -23.20 -34.79 -1.54
CA ARG B 209 -23.69 -35.19 -0.22
C ARG B 209 -22.63 -36.05 0.44
N PHE B 210 -22.02 -35.55 1.51
CA PHE B 210 -20.90 -36.25 2.14
C PHE B 210 -21.04 -36.18 3.66
N VAL B 211 -20.06 -36.79 4.34
CA VAL B 211 -20.02 -36.85 5.80
C VAL B 211 -18.98 -35.86 6.28
N GLY B 212 -19.43 -34.83 7.01
CA GLY B 212 -18.53 -33.86 7.57
C GLY B 212 -18.92 -33.53 9.00
N ILE B 213 -18.62 -32.31 9.45
CA ILE B 213 -19.04 -31.88 10.78
C ILE B 213 -19.93 -30.65 10.65
N ASN B 214 -20.86 -30.52 11.59
CA ASN B 214 -21.73 -29.36 11.63
C ASN B 214 -21.06 -28.24 12.44
N GLN B 215 -21.75 -27.12 12.57
CA GLN B 215 -21.22 -26.02 13.37
C GLN B 215 -21.23 -26.33 14.86
N ALA B 216 -21.94 -27.37 15.29
CA ALA B 216 -21.93 -27.82 16.67
C ALA B 216 -20.83 -28.84 16.94
N GLY B 217 -19.91 -29.02 16.00
CA GLY B 217 -18.85 -30.00 16.18
C GLY B 217 -19.30 -31.44 16.16
N GLN B 218 -20.47 -31.72 15.57
CA GLN B 218 -21.00 -33.07 15.50
C GLN B 218 -20.84 -33.64 14.09
N VAL B 219 -20.65 -34.96 14.01
CA VAL B 219 -20.63 -35.61 12.72
C VAL B 219 -22.00 -35.50 12.08
N ALA B 220 -22.03 -35.13 10.81
CA ALA B 220 -23.28 -34.80 10.15
C ALA B 220 -23.17 -35.13 8.66
N LEU B 221 -24.33 -35.20 8.02
CA LEU B 221 -24.43 -35.36 6.58
C LEU B 221 -24.67 -33.99 5.95
N LEU B 222 -23.74 -33.54 5.12
CA LEU B 222 -23.79 -32.22 4.53
C LEU B 222 -24.14 -32.32 3.05
N GLN B 223 -25.06 -31.44 2.61
CA GLN B 223 -25.46 -31.30 1.22
C GLN B 223 -24.98 -29.95 0.69
N THR B 224 -24.40 -29.97 -0.51
CA THR B 224 -23.72 -28.82 -1.09
C THR B 224 -24.26 -28.55 -2.48
N GLN B 225 -24.53 -27.26 -2.75
CA GLN B 225 -25.00 -26.85 -4.08
C GLN B 225 -23.94 -27.09 -5.15
N GLY B 226 -22.67 -26.96 -4.83
CA GLY B 226 -21.63 -27.00 -5.82
C GLY B 226 -20.97 -25.63 -5.98
N ASN B 227 -19.71 -25.64 -6.38
CA ASN B 227 -18.92 -24.42 -6.48
C ASN B 227 -18.69 -24.09 -7.95
N PRO B 228 -19.38 -23.09 -8.51
CA PRO B 228 -19.17 -22.74 -9.91
C PRO B 228 -17.92 -21.91 -10.17
N ASP B 229 -17.26 -21.41 -9.13
CA ASP B 229 -16.09 -20.55 -9.29
C ASP B 229 -14.83 -21.40 -9.15
N GLY B 230 -14.45 -22.06 -10.23
CA GLY B 230 -13.29 -22.92 -10.22
C GLY B 230 -12.31 -22.56 -11.33
N HIS B 231 -11.06 -22.96 -11.13
CA HIS B 231 -10.02 -22.78 -12.14
C HIS B 231 -8.90 -23.76 -11.86
N VAL B 232 -8.00 -23.89 -12.82
CA VAL B 232 -6.88 -24.80 -12.71
C VAL B 232 -5.67 -24.04 -12.22
N ILE B 233 -4.85 -24.69 -11.38
CA ILE B 233 -3.58 -24.16 -10.94
C ILE B 233 -2.49 -24.93 -11.67
N LEU B 234 -1.83 -24.28 -12.63
CA LEU B 234 -0.71 -24.89 -13.35
C LEU B 234 0.49 -24.89 -12.41
N ARG B 235 0.73 -26.03 -11.75
CA ARG B 235 1.74 -26.11 -10.71
C ARG B 235 3.03 -26.75 -11.19
N GLY B 236 3.02 -27.40 -12.35
CA GLY B 236 4.19 -28.12 -12.81
C GLY B 236 4.29 -29.49 -12.17
N GLY B 237 4.67 -30.50 -12.95
CA GLY B 237 4.80 -31.84 -12.42
C GLY B 237 6.24 -32.31 -12.44
N LYS B 238 6.53 -33.29 -13.31
CA LYS B 238 7.92 -33.67 -13.53
C LYS B 238 8.68 -32.59 -14.28
N ALA B 239 7.99 -31.82 -15.10
CA ALA B 239 8.55 -30.70 -15.85
C ALA B 239 7.68 -29.48 -15.68
N PRO B 240 8.24 -28.28 -15.83
CA PRO B 240 7.42 -27.07 -15.75
C PRO B 240 6.37 -27.03 -16.85
N ASN B 241 5.23 -26.43 -16.53
CA ASN B 241 4.11 -26.34 -17.48
C ASN B 241 3.59 -24.92 -17.59
N TYR B 242 4.49 -23.93 -17.58
CA TYR B 242 4.11 -22.54 -17.75
C TYR B 242 4.37 -22.02 -19.16
N SER B 243 5.01 -22.80 -20.01
CA SER B 243 5.32 -22.36 -21.36
C SER B 243 4.03 -22.17 -22.17
N PRO B 244 4.07 -21.33 -23.20
CA PRO B 244 2.88 -21.14 -24.04
C PRO B 244 2.33 -22.43 -24.63
N ALA B 245 3.18 -23.41 -24.92
CA ALA B 245 2.70 -24.68 -25.45
C ALA B 245 1.89 -25.45 -24.40
N ASP B 246 2.42 -25.54 -23.19
CA ASP B 246 1.69 -26.21 -22.11
C ASP B 246 0.40 -25.46 -21.76
N VAL B 247 0.44 -24.13 -21.81
CA VAL B 247 -0.76 -23.35 -21.56
C VAL B 247 -1.80 -23.62 -22.64
N ALA B 248 -1.38 -23.71 -23.90
CA ALA B 248 -2.31 -24.02 -24.98
C ALA B 248 -2.88 -25.42 -24.82
N GLN B 249 -2.05 -26.38 -24.36
CA GLN B 249 -2.56 -27.72 -24.13
C GLN B 249 -3.58 -27.75 -23.00
N CYS B 250 -3.34 -26.97 -21.95
CA CYS B 250 -4.31 -26.89 -20.86
C CYS B 250 -5.61 -26.24 -21.33
N GLU B 251 -5.52 -25.20 -22.15
CA GLU B 251 -6.71 -24.60 -22.75
C GLU B 251 -7.47 -25.62 -23.59
N LYS B 252 -6.75 -26.43 -24.36
CA LYS B 252 -7.37 -27.44 -25.21
C LYS B 252 -8.11 -28.47 -24.37
N GLU B 253 -7.47 -28.97 -23.31
CA GLU B 253 -8.11 -29.96 -22.45
C GLU B 253 -9.30 -29.37 -21.69
N MET B 254 -9.25 -28.08 -21.34
CA MET B 254 -10.37 -27.47 -20.64
C MET B 254 -11.55 -27.23 -21.60
N GLU B 255 -11.26 -26.88 -22.86
CA GLU B 255 -12.33 -26.73 -23.83
C GLU B 255 -12.98 -28.07 -24.17
N GLN B 256 -12.16 -29.12 -24.32
CA GLN B 256 -12.72 -30.44 -24.61
C GLN B 256 -13.60 -30.94 -23.48
N ALA B 257 -13.32 -30.51 -22.25
CA ALA B 257 -14.12 -30.89 -21.09
C ALA B 257 -15.33 -29.98 -20.89
N GLY B 258 -15.56 -29.03 -21.79
CA GLY B 258 -16.70 -28.16 -21.67
C GLY B 258 -16.56 -27.07 -20.64
N LEU B 259 -15.34 -26.65 -20.33
CA LEU B 259 -15.08 -25.58 -19.38
C LEU B 259 -14.41 -24.42 -20.10
N ARG B 260 -14.61 -23.22 -19.56
CA ARG B 260 -13.94 -22.05 -20.11
C ARG B 260 -12.48 -22.04 -19.66
N PRO B 261 -11.52 -21.88 -20.58
CA PRO B 261 -10.11 -21.88 -20.19
C PRO B 261 -9.79 -20.81 -19.16
N SER B 262 -9.42 -21.24 -17.95
CA SER B 262 -9.16 -20.32 -16.85
C SER B 262 -8.15 -20.98 -15.94
N LEU B 263 -6.92 -20.48 -15.95
CA LEU B 263 -5.81 -21.14 -15.26
C LEU B 263 -4.94 -20.12 -14.55
N MET B 264 -4.35 -20.57 -13.44
CA MET B 264 -3.41 -19.78 -12.66
C MET B 264 -2.04 -20.43 -12.72
N VAL B 265 -1.01 -19.65 -13.04
CA VAL B 265 0.35 -20.16 -13.17
C VAL B 265 1.05 -19.98 -11.83
N ASP B 266 1.52 -21.08 -11.26
CA ASP B 266 2.26 -21.05 -10.00
C ASP B 266 3.74 -20.92 -10.31
N CYS B 267 4.32 -19.77 -9.96
CA CYS B 267 5.76 -19.57 -10.10
C CYS B 267 6.57 -20.42 -9.11
N SER B 268 5.89 -21.12 -8.21
CA SER B 268 6.48 -21.88 -7.13
C SER B 268 6.80 -23.31 -7.57
N HIS B 269 6.85 -24.22 -6.59
CA HIS B 269 7.62 -25.47 -6.57
C HIS B 269 7.84 -26.14 -7.92
N GLY B 270 6.78 -26.41 -8.67
CA GLY B 270 6.95 -27.18 -9.89
C GLY B 270 7.60 -26.42 -11.03
N ASN B 271 7.19 -25.18 -11.24
CA ASN B 271 7.70 -24.39 -12.35
C ASN B 271 9.03 -23.72 -12.05
N SER B 272 9.55 -23.84 -10.82
CA SER B 272 10.86 -23.32 -10.48
C SER B 272 11.78 -24.38 -9.89
N ASN B 273 11.33 -25.64 -9.80
CA ASN B 273 12.07 -26.73 -9.16
C ASN B 273 12.38 -26.39 -7.71
N LYS B 274 11.44 -25.71 -7.05
CA LYS B 274 11.60 -25.27 -5.66
C LYS B 274 12.87 -24.45 -5.48
N ASP B 275 13.12 -23.56 -6.43
CA ASP B 275 14.27 -22.66 -6.42
C ASP B 275 13.76 -21.22 -6.50
N TYR B 276 14.32 -20.35 -5.66
CA TYR B 276 13.77 -19.01 -5.52
C TYR B 276 14.09 -18.13 -6.74
N ARG B 277 15.28 -18.31 -7.33
CA ARG B 277 15.74 -17.39 -8.37
C ARG B 277 14.92 -17.48 -9.65
N ARG B 278 14.15 -18.56 -9.83
CA ARG B 278 13.43 -18.79 -11.08
C ARG B 278 11.99 -18.27 -11.06
N GLN B 279 11.46 -17.87 -9.90
CA GLN B 279 10.09 -17.37 -9.84
C GLN B 279 9.88 -16.10 -10.67
N PRO B 280 10.73 -15.05 -10.56
CA PRO B 280 10.50 -13.87 -11.40
C PRO B 280 10.56 -14.17 -12.88
N ALA B 281 11.39 -15.13 -13.30
CA ALA B 281 11.45 -15.50 -14.71
C ALA B 281 10.13 -16.10 -15.16
N VAL B 282 9.51 -16.96 -14.33
CA VAL B 282 8.21 -17.52 -14.63
C VAL B 282 7.15 -16.43 -14.74
N ALA B 283 7.17 -15.50 -13.78
CA ALA B 283 6.21 -14.38 -13.82
C ALA B 283 6.39 -13.55 -15.08
N GLU B 284 7.65 -13.31 -15.48
CA GLU B 284 7.91 -12.53 -16.69
C GLU B 284 7.46 -13.27 -17.95
N SER B 285 7.63 -14.59 -17.98
CA SER B 285 7.11 -15.38 -19.09
C SER B 285 5.60 -15.27 -19.18
N VAL B 286 4.92 -15.30 -18.03
CA VAL B 286 3.46 -15.16 -18.02
C VAL B 286 3.05 -13.78 -18.52
N VAL B 287 3.79 -12.74 -18.10
CA VAL B 287 3.51 -11.39 -18.57
C VAL B 287 3.69 -11.29 -20.07
N ALA B 288 4.77 -11.89 -20.60
CA ALA B 288 5.01 -11.87 -22.03
C ALA B 288 3.90 -12.59 -22.79
N GLN B 289 3.43 -13.72 -22.26
CA GLN B 289 2.31 -14.42 -22.89
C GLN B 289 1.05 -13.56 -22.91
N ILE B 290 0.81 -12.81 -21.82
CA ILE B 290 -0.33 -11.91 -21.76
C ILE B 290 -0.18 -10.81 -22.81
N LYS B 291 1.06 -10.36 -23.03
CA LYS B 291 1.30 -9.33 -24.06
C LYS B 291 1.05 -9.85 -25.47
N ASP B 292 1.23 -11.15 -25.68
CA ASP B 292 1.02 -11.77 -26.99
C ASP B 292 -0.43 -12.15 -27.22
N GLY B 293 -1.34 -11.77 -26.34
CA GLY B 293 -2.76 -12.01 -26.54
C GLY B 293 -3.37 -13.17 -25.79
N ASN B 294 -2.68 -13.72 -24.78
CA ASN B 294 -3.24 -14.82 -24.02
C ASN B 294 -4.50 -14.37 -23.30
N ARG B 295 -5.52 -15.24 -23.30
CA ARG B 295 -6.80 -14.95 -22.69
C ARG B 295 -7.16 -15.86 -21.53
N SER B 296 -6.39 -16.93 -21.29
CA SER B 296 -6.75 -17.91 -20.28
C SER B 296 -6.03 -17.71 -18.95
N ILE B 297 -4.85 -17.10 -18.96
CA ILE B 297 -4.08 -16.92 -17.74
C ILE B 297 -4.79 -15.88 -16.87
N ILE B 298 -5.22 -16.31 -15.68
CA ILE B 298 -6.04 -15.47 -14.81
C ILE B 298 -5.22 -14.93 -13.65
N GLY B 299 -4.23 -15.70 -13.20
CA GLY B 299 -3.47 -15.26 -12.05
C GLY B 299 -2.13 -15.95 -11.91
N LEU B 300 -1.40 -15.49 -10.91
CA LEU B 300 -0.10 -16.00 -10.53
C LEU B 300 -0.12 -16.38 -9.06
N MET B 301 0.80 -17.27 -8.68
CA MET B 301 0.99 -17.65 -7.28
C MET B 301 2.47 -17.53 -6.93
N ILE B 302 2.75 -16.83 -5.84
CA ILE B 302 4.11 -16.48 -5.44
C ILE B 302 4.29 -16.81 -3.97
N GLU B 303 5.30 -17.61 -3.66
CA GLU B 303 5.71 -17.87 -2.28
C GLU B 303 6.82 -16.90 -1.91
N SER B 304 6.54 -16.00 -0.97
CA SER B 304 7.46 -14.94 -0.63
C SER B 304 7.39 -14.65 0.87
N ASN B 305 8.54 -14.67 1.52
CA ASN B 305 8.64 -14.37 2.94
C ASN B 305 9.41 -13.05 3.11
N ILE B 306 9.72 -12.71 4.37
CA ILE B 306 10.48 -11.50 4.64
C ILE B 306 11.86 -11.57 4.01
N HIS B 307 12.54 -12.70 4.17
CA HIS B 307 13.88 -12.89 3.65
C HIS B 307 13.91 -14.07 2.67
N GLU B 308 15.02 -14.16 1.94
CA GLU B 308 15.18 -15.20 0.93
C GLU B 308 15.44 -16.56 1.58
N GLY B 309 15.63 -17.57 0.75
CA GLY B 309 15.89 -18.92 1.22
C GLY B 309 14.70 -19.84 1.08
N THR B 327 11.56 -27.04 4.29
CA THR B 327 12.32 -25.83 4.01
C THR B 327 12.06 -25.33 2.59
N ASP B 328 10.94 -24.64 2.39
CA ASP B 328 10.56 -24.16 1.08
C ASP B 328 11.44 -22.98 0.66
N ALA B 329 11.58 -22.79 -0.66
CA ALA B 329 12.39 -21.72 -1.23
C ALA B 329 11.49 -20.56 -1.63
N CYS B 330 11.21 -19.72 -0.64
CA CYS B 330 10.42 -18.51 -0.84
C CYS B 330 11.35 -17.33 -1.13
N ILE B 331 10.86 -16.40 -1.95
CA ILE B 331 11.67 -15.27 -2.38
C ILE B 331 11.64 -14.16 -1.33
N SER B 332 12.63 -13.28 -1.37
CA SER B 332 12.71 -12.18 -0.43
C SER B 332 11.61 -11.16 -0.70
N TRP B 333 11.41 -10.27 0.29
CA TRP B 333 10.41 -9.22 0.11
C TRP B 333 10.87 -8.15 -0.87
N GLU B 334 12.18 -7.88 -0.92
CA GLU B 334 12.67 -6.93 -1.91
C GLU B 334 12.43 -7.44 -3.32
N MET B 335 12.69 -8.73 -3.55
CA MET B 335 12.40 -9.33 -4.85
C MET B 335 10.90 -9.33 -5.14
N THR B 336 10.07 -9.53 -4.11
CA THR B 336 8.63 -9.52 -4.31
C THR B 336 8.15 -8.14 -4.72
N ASP B 337 8.64 -7.10 -4.04
CA ASP B 337 8.30 -5.73 -4.41
C ASP B 337 8.74 -5.43 -5.83
N ALA B 338 10.00 -5.76 -6.17
CA ALA B 338 10.51 -5.48 -7.50
C ALA B 338 9.72 -6.22 -8.57
N LEU B 339 9.39 -7.49 -8.31
CA LEU B 339 8.69 -8.30 -9.31
C LEU B 339 7.26 -7.80 -9.52
N LEU B 340 6.55 -7.49 -8.43
CA LEU B 340 5.20 -6.99 -8.59
C LEU B 340 5.18 -5.61 -9.24
N ARG B 341 6.19 -4.78 -8.96
CA ARG B 341 6.30 -3.49 -9.64
C ARG B 341 6.55 -3.68 -11.13
N GLU B 342 7.42 -4.63 -11.50
CA GLU B 342 7.68 -4.88 -12.91
C GLU B 342 6.42 -5.39 -13.60
N ILE B 343 5.71 -6.33 -12.98
CA ILE B 343 4.49 -6.86 -13.58
C ILE B 343 3.48 -5.74 -13.75
N HIS B 344 3.32 -4.89 -12.74
CA HIS B 344 2.38 -3.78 -12.84
C HIS B 344 2.77 -2.81 -13.95
N GLN B 345 4.08 -2.55 -14.10
CA GLN B 345 4.53 -1.59 -15.11
C GLN B 345 4.44 -2.17 -16.52
N ASP B 346 4.54 -3.49 -16.66
CA ASP B 346 4.48 -4.13 -17.98
C ASP B 346 3.05 -4.40 -18.43
N LEU B 347 2.12 -4.63 -17.50
CA LEU B 347 0.74 -4.94 -17.85
C LEU B 347 -0.10 -3.70 -18.14
N ASN B 348 0.51 -2.52 -18.19
CA ASN B 348 -0.26 -1.28 -18.36
C ASN B 348 -1.10 -1.32 -19.63
N GLY B 349 -0.48 -1.66 -20.76
CA GLY B 349 -1.26 -1.76 -21.98
C GLY B 349 -2.12 -3.00 -22.01
N GLN B 350 -3.41 -2.82 -21.74
CA GLN B 350 -4.43 -3.87 -21.67
C GLN B 350 -5.66 -3.32 -20.93
#